data_6ISI
#
_entry.id   6ISI
#
_cell.length_a   205.204
_cell.length_b   205.204
_cell.length_c   205.204
_cell.angle_alpha   90.00
_cell.angle_beta   90.00
_cell.angle_gamma   90.00
#
_symmetry.space_group_name_H-M   'I 2 3'
#
loop_
_entity.id
_entity.type
_entity.pdbx_description
1 polymer 'DNA polymerase'
2 polymer "DNA (5'-D(P*GP*CP*GP*GP*AP*CP*TP*GP*CP*TP*TP*AP*CP*CP*C)-3')"
3 polymer "DNA (5'-D(P*AP*CP*GP*GP*GP*TP*AP*AP*GP*CP*AP*GP*TP*CP*CP*GP*CP*G)-3')"
4 non-polymer PYROPHOSPHATE
5 non-polymer 'CALCIUM ION'
6 non-polymer '3-[2-[2-(2-azanylethoxy)ethoxy]ethoxy]propanoic acid'
7 water water
#
loop_
_entity_poly.entity_id
_entity_poly.type
_entity_poly.pdbx_seq_one_letter_code
_entity_poly.pdbx_strand_id
1 'polypeptide(L)'
;MILDTDYITENGKPVIRVFKKENGEFKIEYDRTFEPYFYALLKDDSAIEDVKKVTAKRHGTVVKVKRAEKVQKKFLGRPI
EVWKLYFNHPQDVPAIRDRIRAHPAVVDIYEYDIPFAKRYLIDKGLIPMEGDEELTMLAFAIATLYHEGEEFGTGPILMI
SYADGSEARVITWKKIDLPYVDVVSTEKEMIKRFLRVVREKDPDVLITYNGDNFDFAYLKKRCEELGIKFTLGRDGSEPK
IQRMGDRFAVEVKGRIHFDLYPVIRRTINLPTYTLEAVYEAVFGKPKEKVYAEEIAQAWESGEGLERVARYSMEDAKVTY
ELGREFFPMEAQLSRLIGQSLWDVSRSSTGNLVEWFLLRKAYKRNELAPNKPDERELARRRGGYAGGYVKEPERGLWDNI
VYLDFRSLYPSIIITHNVSPDTLNREGCKEYDVAPEVGHKFCKDFPGFIPSLLGDLLEERQKIKRKMKATVDPLEKKLLD
YRQRLIKILANSFYGYYGYAKARWYCKECAESVTAWGREYIEMVIRELEEKFGFKVLYADTDGLHATIPGADAETVKKKA
KEFLKYINPKLPGLLELEYEGFYVRGFFVTKKKYAVIDEEGKITTRGLEIVRRDWSEIAKETQARVLEAILKHGDVEEAV
RIVKEVTEKLSKYEVPPEKLVIHEQITRDLRDYKATGPHVAVAKRLAARGVKIRPGTVISYIVLKGSGRIGDRAIPADEF
DPTKHRYDAEYYIENQVLPAVERILKAFGYRKEDLRYQKTKQVGLGAWLKVKGKKLEHHHHHH
;
A
2 'polydeoxyribonucleotide' (DG)(DC)(DG)(DG)(DA)(DC)(DT)(DG)(DC)(DT)(DT)(DA)(DC)(DC)(DC) C
3 'polydeoxyribonucleotide' (DA)(DC)(DG)(DG)(DG)(DT)(DA)(DA)(DG)(DC)(DA)(DG)(DT)(DC)(DC)(DG)(DC)(DG) D
#
# COMPACT_ATOMS: atom_id res chain seq x y z
N MET A 1 -11.11 -18.58 -15.70
CA MET A 1 -10.51 -17.29 -15.22
C MET A 1 -9.16 -17.08 -15.89
N ILE A 2 -8.95 -15.91 -16.51
CA ILE A 2 -7.65 -15.49 -17.11
C ILE A 2 -6.70 -15.16 -15.95
N LEU A 3 -5.68 -15.99 -15.73
CA LEU A 3 -4.61 -15.74 -14.73
C LEU A 3 -3.86 -14.47 -15.14
N ASP A 4 -3.24 -14.48 -16.32
CA ASP A 4 -2.44 -13.33 -16.85
C ASP A 4 -2.28 -13.47 -18.37
N THR A 5 -1.84 -12.40 -19.00
CA THR A 5 -1.42 -12.33 -20.43
C THR A 5 0.10 -12.13 -20.47
N ASP A 6 0.77 -12.77 -21.43
CA ASP A 6 2.18 -12.48 -21.82
C ASP A 6 2.33 -12.78 -23.32
N TYR A 7 3.41 -12.30 -23.94
CA TYR A 7 3.71 -12.54 -25.38
C TYR A 7 5.12 -13.11 -25.52
N ILE A 8 5.28 -14.06 -26.45
CA ILE A 8 6.58 -14.67 -26.88
C ILE A 8 6.86 -14.21 -28.32
N THR A 9 7.81 -14.85 -29.00
CA THR A 9 8.26 -14.49 -30.37
C THR A 9 8.51 -15.78 -31.17
N GLU A 10 7.47 -16.31 -31.83
CA GLU A 10 7.52 -17.58 -32.61
C GLU A 10 7.56 -17.25 -34.11
N ASN A 11 8.65 -17.64 -34.79
CA ASN A 11 8.89 -17.48 -36.25
C ASN A 11 9.00 -16.00 -36.61
N GLY A 12 9.40 -15.13 -35.65
CA GLY A 12 9.60 -13.69 -35.86
C GLY A 12 8.47 -12.86 -35.27
N LYS A 13 7.22 -13.25 -35.52
CA LYS A 13 5.99 -12.50 -35.13
C LYS A 13 5.70 -12.72 -33.64
N PRO A 14 5.02 -11.76 -32.96
CA PRO A 14 4.63 -11.94 -31.55
C PRO A 14 3.30 -12.69 -31.37
N VAL A 15 3.30 -13.71 -30.51
CA VAL A 15 2.09 -14.49 -30.12
C VAL A 15 1.71 -14.14 -28.68
N ILE A 16 0.52 -13.55 -28.47
CA ILE A 16 -0.03 -13.20 -27.12
C ILE A 16 -0.67 -14.45 -26.52
N ARG A 17 -0.07 -15.00 -25.46
CA ARG A 17 -0.64 -16.10 -24.63
C ARG A 17 -1.59 -15.50 -23.58
N VAL A 18 -2.73 -16.13 -23.34
CA VAL A 18 -3.76 -15.68 -22.36
C VAL A 18 -3.97 -16.80 -21.34
N PHE A 19 -2.95 -17.05 -20.50
CA PHE A 19 -2.93 -18.09 -19.42
C PHE A 19 -4.25 -18.07 -18.65
N LYS A 20 -4.97 -19.19 -18.64
CA LYS A 20 -6.34 -19.30 -18.07
C LYS A 20 -6.42 -20.54 -17.17
N LYS A 21 -7.58 -20.73 -16.52
CA LYS A 21 -7.94 -21.99 -15.81
C LYS A 21 -9.47 -22.19 -15.87
N GLU A 22 -9.93 -23.04 -16.79
CA GLU A 22 -11.35 -23.43 -16.98
C GLU A 22 -11.50 -24.93 -16.68
N ASN A 23 -12.66 -25.33 -16.14
CA ASN A 23 -13.05 -26.73 -15.85
C ASN A 23 -11.89 -27.49 -15.17
N GLY A 24 -11.25 -26.86 -14.18
CA GLY A 24 -10.23 -27.48 -13.31
C GLY A 24 -8.93 -27.80 -14.04
N GLU A 25 -8.72 -27.21 -15.22
CA GLU A 25 -7.51 -27.46 -16.07
C GLU A 25 -6.92 -26.12 -16.52
N PHE A 26 -5.60 -25.98 -16.43
CA PHE A 26 -4.83 -24.78 -16.86
C PHE A 26 -4.61 -24.85 -18.38
N LYS A 27 -5.09 -23.83 -19.10
CA LYS A 27 -4.98 -23.73 -20.59
C LYS A 27 -4.17 -22.47 -20.95
N ILE A 28 -3.49 -22.49 -22.10
CA ILE A 28 -2.70 -21.36 -22.67
C ILE A 28 -3.24 -21.04 -24.06
N GLU A 29 -4.22 -20.12 -24.16
CA GLU A 29 -4.80 -19.65 -25.45
C GLU A 29 -3.82 -18.64 -26.08
N TYR A 30 -3.30 -18.96 -27.26
CA TYR A 30 -2.37 -18.11 -28.05
C TYR A 30 -3.19 -17.17 -28.95
N ASP A 31 -2.58 -16.09 -29.43
CA ASP A 31 -3.27 -15.08 -30.29
C ASP A 31 -2.23 -14.20 -31.00
N ARG A 32 -2.22 -14.23 -32.33
CA ARG A 32 -1.33 -13.40 -33.20
C ARG A 32 -2.16 -12.34 -33.95
N THR A 33 -3.50 -12.37 -33.82
CA THR A 33 -4.45 -11.43 -34.46
C THR A 33 -4.25 -10.00 -33.93
N PHE A 34 -3.92 -9.85 -32.64
CA PHE A 34 -3.58 -8.55 -32.01
C PHE A 34 -2.26 -8.04 -32.61
N GLU A 35 -2.18 -6.73 -32.86
CA GLU A 35 -0.95 -6.03 -33.30
C GLU A 35 -0.83 -4.72 -32.54
N PRO A 36 0.39 -4.32 -32.10
CA PRO A 36 0.60 -3.11 -31.31
C PRO A 36 0.27 -1.82 -32.08
N TYR A 37 -0.24 -0.80 -31.37
CA TYR A 37 -0.55 0.54 -31.95
C TYR A 37 0.01 1.64 -31.05
N PHE A 38 0.16 2.84 -31.63
CA PHE A 38 0.60 4.10 -30.99
C PHE A 38 -0.29 5.20 -31.59
N TYR A 39 -0.25 6.43 -31.05
CA TYR A 39 -1.04 7.59 -31.55
C TYR A 39 -0.10 8.78 -31.76
N ALA A 40 -0.52 9.74 -32.60
CA ALA A 40 0.22 10.96 -32.96
C ALA A 40 -0.72 11.99 -33.60
N LEU A 41 -0.58 13.27 -33.22
CA LEU A 41 -1.37 14.42 -33.75
C LEU A 41 -0.54 15.18 -34.80
N LEU A 42 -0.78 14.88 -36.08
CA LEU A 42 -0.14 15.55 -37.25
C LEU A 42 -0.95 16.81 -37.61
N LYS A 43 -0.27 17.90 -37.99
CA LYS A 43 -0.88 19.22 -38.30
C LYS A 43 -1.60 19.18 -39.66
N ASP A 44 -1.04 18.45 -40.63
CA ASP A 44 -1.63 18.26 -41.99
C ASP A 44 -1.60 16.76 -42.34
N ASP A 45 -2.72 16.23 -42.83
CA ASP A 45 -2.90 14.80 -43.20
C ASP A 45 -1.91 14.41 -44.32
N SER A 46 -1.40 15.39 -45.09
CA SER A 46 -0.41 15.20 -46.18
C SER A 46 0.89 14.61 -45.63
N ALA A 47 1.30 15.02 -44.43
CA ALA A 47 2.60 14.68 -43.80
C ALA A 47 2.64 13.20 -43.39
N ILE A 48 1.47 12.55 -43.26
CA ILE A 48 1.32 11.13 -42.80
C ILE A 48 2.20 10.20 -43.65
N GLU A 49 2.13 10.31 -44.98
CA GLU A 49 2.88 9.46 -45.93
C GLU A 49 4.38 9.79 -45.83
N ASP A 50 4.72 11.05 -45.59
CA ASP A 50 6.11 11.54 -45.34
C ASP A 50 6.62 10.96 -44.01
N VAL A 51 5.73 10.87 -43.01
CA VAL A 51 6.05 10.38 -41.63
C VAL A 51 6.13 8.85 -41.64
N LYS A 52 5.38 8.18 -42.51
CA LYS A 52 5.39 6.69 -42.67
C LYS A 52 6.80 6.24 -43.09
N LYS A 53 7.62 7.15 -43.63
CA LYS A 53 9.02 6.91 -44.06
C LYS A 53 9.96 6.79 -42.85
N VAL A 54 9.57 7.34 -41.69
CA VAL A 54 10.39 7.37 -40.44
C VAL A 54 10.86 5.95 -40.08
N THR A 55 12.15 5.81 -39.78
CA THR A 55 12.84 4.52 -39.52
C THR A 55 13.59 4.59 -38.19
N ALA A 56 14.00 3.42 -37.68
CA ALA A 56 14.83 3.24 -36.47
C ALA A 56 15.19 1.76 -36.32
N LYS A 57 16.44 1.45 -36.00
CA LYS A 57 16.98 0.07 -35.91
C LYS A 57 16.90 -0.41 -34.45
N ARG A 58 16.32 -1.60 -34.24
CA ARG A 58 16.31 -2.34 -32.95
C ARG A 58 17.19 -3.58 -33.12
N HIS A 59 18.36 -3.59 -32.47
CA HIS A 59 19.40 -4.64 -32.58
C HIS A 59 19.94 -4.68 -34.02
N GLY A 60 19.87 -5.83 -34.69
CA GLY A 60 20.31 -6.02 -36.09
C GLY A 60 19.31 -5.47 -37.09
N THR A 61 18.01 -5.60 -36.79
CA THR A 61 16.87 -5.25 -37.70
C THR A 61 16.74 -3.73 -37.85
N VAL A 62 16.13 -3.29 -38.96
CA VAL A 62 15.67 -1.89 -39.21
C VAL A 62 14.13 -1.91 -39.20
N VAL A 63 13.50 -0.98 -38.47
CA VAL A 63 12.04 -0.99 -38.17
C VAL A 63 11.40 0.35 -38.56
N LYS A 64 10.23 0.29 -39.21
CA LYS A 64 9.39 1.46 -39.62
C LYS A 64 7.91 1.09 -39.44
N VAL A 65 7.01 2.07 -39.60
CA VAL A 65 5.54 1.94 -39.34
C VAL A 65 4.94 0.87 -40.26
N LYS A 66 4.47 -0.24 -39.69
CA LYS A 66 3.93 -1.43 -40.42
C LYS A 66 2.61 -1.07 -41.11
N ARG A 67 1.81 -0.21 -40.47
CA ARG A 67 0.53 0.33 -41.02
C ARG A 67 0.32 1.74 -40.43
N ALA A 68 -0.77 2.41 -40.82
CA ALA A 68 -1.15 3.75 -40.31
C ALA A 68 -2.64 3.98 -40.61
N GLU A 69 -3.31 4.80 -39.80
CA GLU A 69 -4.78 5.00 -39.85
C GLU A 69 -5.19 6.29 -39.12
N LYS A 70 -5.86 7.20 -39.82
CA LYS A 70 -6.65 8.30 -39.20
C LYS A 70 -7.74 7.66 -38.35
N VAL A 71 -7.76 7.96 -37.05
CA VAL A 71 -8.78 7.48 -36.06
C VAL A 71 -9.46 8.72 -35.46
N GLN A 72 -10.79 8.68 -35.38
CA GLN A 72 -11.64 9.73 -34.76
C GLN A 72 -11.93 9.31 -33.32
N LYS A 73 -11.17 9.88 -32.36
CA LYS A 73 -11.28 9.60 -30.91
C LYS A 73 -11.86 10.82 -30.20
N LYS A 74 -11.73 10.89 -28.87
CA LYS A 74 -11.97 12.11 -28.05
C LYS A 74 -10.66 12.42 -27.30
N PHE A 75 -10.53 13.62 -26.74
CA PHE A 75 -9.43 13.99 -25.81
C PHE A 75 -9.91 15.06 -24.83
N LEU A 76 -9.83 14.76 -23.53
CA LEU A 76 -10.51 15.50 -22.43
C LEU A 76 -11.91 15.86 -22.93
N GLY A 77 -12.61 14.88 -23.50
CA GLY A 77 -13.92 15.04 -24.15
C GLY A 77 -13.79 15.48 -25.60
N ARG A 78 -13.36 16.73 -25.82
CA ARG A 78 -13.28 17.43 -27.13
C ARG A 78 -12.86 16.42 -28.22
N PRO A 79 -13.70 16.19 -29.27
CA PRO A 79 -13.31 15.33 -30.38
C PRO A 79 -11.95 15.76 -30.95
N ILE A 80 -11.06 14.79 -31.16
CA ILE A 80 -9.75 14.96 -31.86
C ILE A 80 -9.59 13.79 -32.83
N GLU A 81 -9.18 14.09 -34.07
CA GLU A 81 -8.76 13.09 -35.09
C GLU A 81 -7.24 12.95 -35.00
N VAL A 82 -6.72 11.73 -35.07
CA VAL A 82 -5.27 11.44 -34.86
C VAL A 82 -4.92 10.16 -35.61
N TRP A 83 -3.63 9.97 -35.89
CA TRP A 83 -3.07 8.83 -36.67
C TRP A 83 -2.61 7.73 -35.71
N LYS A 84 -3.24 6.55 -35.77
CA LYS A 84 -2.78 5.33 -35.04
C LYS A 84 -1.85 4.56 -35.97
N LEU A 85 -0.61 4.32 -35.53
CA LEU A 85 0.46 3.65 -36.33
C LEU A 85 0.81 2.31 -35.69
N TYR A 86 0.76 1.22 -36.45
CA TYR A 86 1.01 -0.17 -35.97
C TYR A 86 2.52 -0.41 -35.95
N PHE A 87 2.94 -1.65 -35.71
CA PHE A 87 4.35 -2.11 -35.83
C PHE A 87 4.34 -3.65 -35.81
N ASN A 88 5.33 -4.29 -36.44
CA ASN A 88 5.38 -5.76 -36.61
C ASN A 88 5.45 -6.42 -35.23
N HIS A 89 6.48 -6.07 -34.45
CA HIS A 89 6.77 -6.60 -33.08
C HIS A 89 6.59 -5.48 -32.06
N PRO A 90 5.98 -5.72 -30.87
CA PRO A 90 5.69 -4.63 -29.94
C PRO A 90 6.94 -3.86 -29.46
N GLN A 91 8.09 -4.55 -29.41
CA GLN A 91 9.38 -4.00 -28.90
C GLN A 91 9.93 -2.94 -29.85
N ASP A 92 9.37 -2.79 -31.07
CA ASP A 92 9.71 -1.70 -32.03
C ASP A 92 9.04 -0.39 -31.58
N VAL A 93 7.89 -0.49 -30.89
CA VAL A 93 7.07 0.67 -30.40
C VAL A 93 7.95 1.62 -29.58
N PRO A 94 8.77 1.12 -28.62
CA PRO A 94 9.67 1.98 -27.85
C PRO A 94 11.01 2.41 -28.46
N ALA A 95 11.36 1.96 -29.67
CA ALA A 95 12.59 2.37 -30.37
C ALA A 95 12.31 3.61 -31.23
N ILE A 96 11.14 3.66 -31.87
CA ILE A 96 10.78 4.66 -32.92
C ILE A 96 10.00 5.85 -32.33
N ARG A 97 9.85 5.96 -30.99
CA ARG A 97 8.97 6.99 -30.38
C ARG A 97 9.69 8.35 -30.43
N ASP A 98 10.89 8.43 -29.85
CA ASP A 98 11.68 9.69 -29.71
C ASP A 98 11.84 10.35 -31.08
N ARG A 99 12.15 9.56 -32.12
CA ARG A 99 12.29 10.01 -33.53
C ARG A 99 10.93 10.49 -34.05
N ILE A 100 9.94 9.58 -34.15
CA ILE A 100 8.58 9.84 -34.70
C ILE A 100 7.93 11.03 -33.99
N ARG A 101 8.33 11.31 -32.74
CA ARG A 101 7.82 12.44 -31.91
C ARG A 101 8.55 13.74 -32.25
N ALA A 102 9.87 13.69 -32.33
CA ALA A 102 10.78 14.84 -32.61
C ALA A 102 10.38 15.52 -33.93
N HIS A 103 9.86 14.74 -34.88
CA HIS A 103 9.39 15.18 -36.23
C HIS A 103 8.86 16.62 -36.17
N PRO A 104 9.35 17.53 -37.04
CA PRO A 104 8.97 18.95 -36.98
C PRO A 104 7.53 19.22 -37.42
N ALA A 105 6.87 18.23 -38.04
CA ALA A 105 5.45 18.27 -38.44
C ALA A 105 4.55 18.02 -37.22
N VAL A 106 4.87 16.99 -36.44
CA VAL A 106 3.98 16.40 -35.40
C VAL A 106 4.11 17.18 -34.08
N VAL A 107 2.98 17.33 -33.36
CA VAL A 107 2.85 18.12 -32.10
C VAL A 107 3.11 17.20 -30.90
N ASP A 108 2.66 15.94 -30.95
CA ASP A 108 2.74 14.98 -29.82
C ASP A 108 2.39 13.56 -30.28
N ILE A 109 2.85 12.56 -29.54
CA ILE A 109 2.42 11.11 -29.63
C ILE A 109 1.70 10.74 -28.32
N TYR A 110 0.87 9.70 -28.35
CA TYR A 110 -0.03 9.30 -27.23
C TYR A 110 -0.09 7.77 -27.09
N GLU A 111 -0.40 7.28 -25.87
CA GLU A 111 -0.59 5.84 -25.54
C GLU A 111 0.59 5.01 -26.08
N TYR A 112 1.83 5.42 -25.76
CA TYR A 112 3.08 4.88 -26.35
C TYR A 112 3.91 4.08 -25.32
N ASP A 113 3.34 3.82 -24.14
CA ASP A 113 4.06 3.19 -22.99
C ASP A 113 3.18 2.15 -22.31
N ILE A 114 2.22 1.56 -23.04
CA ILE A 114 1.25 0.54 -22.52
C ILE A 114 1.77 -0.85 -22.89
N PRO A 115 2.42 -1.58 -21.95
CA PRO A 115 2.84 -2.97 -22.19
C PRO A 115 1.80 -3.77 -23.00
N PHE A 116 2.27 -4.40 -24.09
CA PHE A 116 1.41 -5.12 -25.08
C PHE A 116 0.44 -6.03 -24.32
N ALA A 117 0.99 -7.00 -23.58
CA ALA A 117 0.23 -8.00 -22.79
C ALA A 117 -0.92 -7.31 -22.04
N LYS A 118 -0.67 -6.12 -21.48
CA LYS A 118 -1.63 -5.31 -20.68
C LYS A 118 -2.56 -4.53 -21.63
N ARG A 119 -2.01 -4.01 -22.73
CA ARG A 119 -2.76 -3.40 -23.86
C ARG A 119 -3.87 -4.38 -24.27
N TYR A 120 -3.48 -5.63 -24.56
CA TYR A 120 -4.34 -6.72 -25.09
C TYR A 120 -5.48 -7.02 -24.11
N LEU A 121 -5.19 -7.02 -22.80
CA LEU A 121 -6.19 -7.27 -21.73
C LEU A 121 -7.23 -6.12 -21.73
N ILE A 122 -6.76 -4.86 -21.84
CA ILE A 122 -7.61 -3.64 -21.86
C ILE A 122 -8.52 -3.67 -23.09
N ASP A 123 -7.91 -3.81 -24.27
CA ASP A 123 -8.58 -3.63 -25.59
C ASP A 123 -9.55 -4.78 -25.85
N LYS A 124 -9.11 -6.03 -25.67
CA LYS A 124 -9.95 -7.24 -25.88
C LYS A 124 -11.13 -7.24 -24.88
N GLY A 125 -11.09 -6.37 -23.87
CA GLY A 125 -12.16 -6.20 -22.87
C GLY A 125 -12.18 -7.34 -21.88
N LEU A 126 -11.07 -8.04 -21.73
CA LEU A 126 -10.91 -9.20 -20.82
C LEU A 126 -10.54 -8.69 -19.42
N ILE A 127 -11.05 -9.35 -18.38
CA ILE A 127 -10.80 -9.03 -16.94
C ILE A 127 -10.21 -10.27 -16.27
N PRO A 128 -9.02 -10.19 -15.65
CA PRO A 128 -8.49 -11.30 -14.87
C PRO A 128 -9.40 -11.73 -13.71
N MET A 129 -9.29 -13.01 -13.33
CA MET A 129 -9.83 -13.61 -12.08
C MET A 129 -11.37 -13.54 -12.05
N GLU A 130 -12.04 -13.55 -13.21
CA GLU A 130 -13.52 -13.66 -13.32
C GLU A 130 -13.90 -15.14 -13.24
N GLY A 131 -15.05 -15.45 -12.61
CA GLY A 131 -15.58 -16.82 -12.50
C GLY A 131 -14.96 -17.59 -11.35
N ASP A 132 -15.72 -18.53 -10.77
CA ASP A 132 -15.37 -19.29 -9.54
C ASP A 132 -14.76 -20.64 -9.91
N GLU A 133 -13.42 -20.70 -9.96
CA GLU A 133 -12.62 -21.96 -10.08
C GLU A 133 -11.58 -21.95 -8.94
N GLU A 134 -11.53 -23.03 -8.15
CA GLU A 134 -10.50 -23.24 -7.09
C GLU A 134 -9.13 -23.27 -7.77
N LEU A 135 -8.19 -22.45 -7.30
CA LEU A 135 -6.78 -22.40 -7.76
C LEU A 135 -5.90 -23.04 -6.67
N THR A 136 -5.08 -24.04 -7.02
CA THR A 136 -4.08 -24.66 -6.10
C THR A 136 -2.97 -23.66 -5.83
N MET A 137 -2.55 -23.55 -4.56
CA MET A 137 -1.44 -22.66 -4.10
C MET A 137 -0.39 -23.51 -3.37
N LEU A 138 0.86 -23.05 -3.39
CA LEU A 138 1.99 -23.69 -2.67
C LEU A 138 2.85 -22.58 -2.06
N ALA A 139 2.84 -22.46 -0.74
CA ALA A 139 3.77 -21.60 0.03
C ALA A 139 5.15 -22.26 -0.02
N PHE A 140 6.21 -21.47 -0.07
CA PHE A 140 7.60 -21.97 0.08
C PHE A 140 8.47 -20.90 0.73
N ALA A 141 9.58 -21.36 1.30
CA ALA A 141 10.51 -20.55 2.13
C ALA A 141 11.90 -21.18 2.10
N ILE A 142 12.93 -20.40 2.42
CA ILE A 142 14.34 -20.87 2.40
C ILE A 142 15.02 -20.42 3.70
N ALA A 143 15.92 -21.25 4.23
CA ALA A 143 16.85 -20.90 5.31
C ALA A 143 18.25 -20.91 4.70
N THR A 144 18.99 -19.82 4.90
CA THR A 144 20.37 -19.63 4.36
C THR A 144 21.34 -19.55 5.54
N LEU A 145 22.61 -19.88 5.28
CA LEU A 145 23.73 -19.73 6.24
C LEU A 145 24.45 -18.43 5.86
N TYR A 146 23.74 -17.31 5.94
CA TYR A 146 24.25 -15.95 5.60
C TYR A 146 25.26 -15.53 6.65
N HIS A 147 26.53 -15.35 6.23
CA HIS A 147 27.68 -14.92 7.08
C HIS A 147 27.56 -13.41 7.35
N GLU A 148 28.50 -12.85 8.11
CA GLU A 148 28.48 -11.43 8.56
C GLU A 148 28.69 -10.50 7.36
N GLY A 149 27.59 -9.98 6.80
CA GLY A 149 27.57 -9.01 5.69
C GLY A 149 28.35 -9.47 4.48
N GLU A 150 28.32 -10.77 4.16
CA GLU A 150 28.99 -11.36 2.97
C GLU A 150 28.18 -11.02 1.72
N GLU A 151 28.66 -11.41 0.53
CA GLU A 151 27.95 -11.25 -0.76
C GLU A 151 26.61 -12.00 -0.67
N PHE A 152 25.56 -11.48 -1.31
CA PHE A 152 24.22 -12.11 -1.37
C PHE A 152 24.30 -13.40 -2.20
N GLY A 153 24.05 -14.54 -1.55
CA GLY A 153 24.02 -15.87 -2.21
C GLY A 153 25.33 -16.63 -2.10
N THR A 154 26.35 -16.04 -1.47
CA THR A 154 27.68 -16.69 -1.24
C THR A 154 27.60 -17.65 -0.05
N GLY A 155 26.48 -17.63 0.68
CA GLY A 155 26.08 -18.71 1.61
C GLY A 155 25.20 -19.73 0.90
N PRO A 156 25.28 -21.04 1.23
CA PRO A 156 24.37 -22.05 0.65
C PRO A 156 23.04 -22.09 1.42
N ILE A 157 21.95 -22.47 0.75
CA ILE A 157 20.62 -22.69 1.39
C ILE A 157 20.74 -23.97 2.22
N LEU A 158 20.32 -23.96 3.48
CA LEU A 158 20.37 -25.15 4.38
C LEU A 158 19.08 -25.95 4.23
N MET A 159 17.94 -25.28 4.22
CA MET A 159 16.59 -25.91 4.12
C MET A 159 15.75 -25.18 3.08
N ILE A 160 14.88 -25.91 2.40
CA ILE A 160 13.74 -25.34 1.63
C ILE A 160 12.47 -25.94 2.23
N SER A 161 11.60 -25.04 2.71
CA SER A 161 10.28 -25.34 3.35
C SER A 161 9.18 -25.06 2.32
N TYR A 162 8.21 -25.96 2.21
CA TYR A 162 6.99 -25.78 1.39
C TYR A 162 5.77 -26.25 2.19
N ALA A 163 4.61 -25.64 1.93
CA ALA A 163 3.32 -25.94 2.61
C ALA A 163 2.16 -25.67 1.65
N ASP A 164 1.09 -26.47 1.77
CA ASP A 164 -0.14 -26.31 0.96
C ASP A 164 -1.32 -26.89 1.76
N GLY A 165 -2.43 -27.17 1.08
CA GLY A 165 -3.67 -27.70 1.68
C GLY A 165 -3.40 -28.89 2.59
N SER A 166 -2.52 -29.80 2.15
CA SER A 166 -2.38 -31.18 2.68
C SER A 166 -1.19 -31.32 3.64
N GLU A 167 -0.15 -30.51 3.53
CA GLU A 167 1.12 -30.77 4.28
C GLU A 167 2.07 -29.57 4.25
N ALA A 168 2.93 -29.50 5.26
CA ALA A 168 4.19 -28.73 5.28
C ALA A 168 5.35 -29.73 5.30
N ARG A 169 6.41 -29.48 4.54
CA ARG A 169 7.62 -30.34 4.51
C ARG A 169 8.88 -29.46 4.36
N VAL A 170 10.00 -29.97 4.86
CA VAL A 170 11.34 -29.32 4.79
C VAL A 170 12.25 -30.24 3.95
N ILE A 171 12.95 -29.67 2.97
CA ILE A 171 14.02 -30.38 2.22
C ILE A 171 15.36 -29.79 2.67
N THR A 172 16.28 -30.63 3.14
CA THR A 172 17.57 -30.22 3.76
C THR A 172 18.62 -31.31 3.55
N TRP A 173 19.91 -31.00 3.71
CA TRP A 173 21.00 -31.92 3.34
C TRP A 173 21.97 -32.16 4.50
N LYS A 174 21.57 -31.77 5.72
CA LYS A 174 22.10 -32.33 6.98
C LYS A 174 20.99 -33.20 7.57
N LYS A 175 21.31 -34.20 8.37
CA LYS A 175 20.34 -35.24 8.81
C LYS A 175 19.49 -34.71 9.96
N ILE A 176 18.16 -34.68 9.79
CA ILE A 176 17.17 -34.34 10.85
C ILE A 176 16.10 -35.42 10.90
N ASP A 177 16.01 -36.12 12.02
CA ASP A 177 15.13 -37.30 12.25
C ASP A 177 13.75 -36.78 12.70
N LEU A 178 12.98 -36.23 11.75
CA LEU A 178 11.60 -35.71 11.95
C LEU A 178 10.73 -36.10 10.76
N PRO A 179 9.43 -36.37 11.00
CA PRO A 179 8.52 -36.84 9.94
C PRO A 179 8.27 -35.84 8.79
N TYR A 180 8.43 -34.54 9.04
CA TYR A 180 8.12 -33.48 8.05
C TYR A 180 9.40 -33.03 7.33
N VAL A 181 10.55 -33.64 7.63
CA VAL A 181 11.85 -33.34 6.96
C VAL A 181 12.20 -34.45 5.98
N ASP A 182 12.67 -34.08 4.79
CA ASP A 182 13.23 -35.01 3.79
C ASP A 182 14.70 -34.64 3.61
N VAL A 183 15.63 -35.52 3.97
CA VAL A 183 17.08 -35.21 3.78
C VAL A 183 17.49 -35.74 2.40
N VAL A 184 17.83 -34.80 1.51
CA VAL A 184 18.64 -35.03 0.29
C VAL A 184 20.12 -35.16 0.71
N SER A 185 20.99 -35.60 -0.20
CA SER A 185 22.42 -35.88 0.06
C SER A 185 23.23 -34.57 0.05
N THR A 186 22.83 -33.60 -0.78
CA THR A 186 23.58 -32.35 -1.08
C THR A 186 22.60 -31.16 -1.18
N GLU A 187 23.13 -29.93 -1.29
CA GLU A 187 22.32 -28.69 -1.50
C GLU A 187 21.64 -28.80 -2.88
N LYS A 188 22.42 -29.02 -3.93
CA LYS A 188 21.93 -29.23 -5.32
C LYS A 188 20.76 -30.22 -5.29
N GLU A 189 20.93 -31.35 -4.61
CA GLU A 189 19.90 -32.42 -4.53
C GLU A 189 18.60 -31.86 -3.96
N MET A 190 18.67 -31.07 -2.89
CA MET A 190 17.46 -30.59 -2.17
C MET A 190 16.74 -29.53 -3.01
N ILE A 191 17.47 -28.77 -3.83
CA ILE A 191 16.86 -27.79 -4.78
C ILE A 191 16.17 -28.58 -5.88
N LYS A 192 16.85 -29.57 -6.46
CA LYS A 192 16.33 -30.44 -7.54
C LYS A 192 15.06 -31.14 -7.04
N ARG A 193 15.02 -31.52 -5.75
CA ARG A 193 13.82 -32.15 -5.15
C ARG A 193 12.72 -31.10 -5.05
N PHE A 194 13.00 -29.96 -4.42
CA PHE A 194 12.04 -28.82 -4.36
C PHE A 194 11.44 -28.61 -5.75
N LEU A 195 12.30 -28.39 -6.75
CA LEU A 195 11.89 -28.14 -8.15
C LEU A 195 10.97 -29.25 -8.64
N ARG A 196 11.33 -30.51 -8.38
CA ARG A 196 10.48 -31.69 -8.70
C ARG A 196 9.12 -31.52 -8.03
N VAL A 197 9.11 -31.28 -6.71
CA VAL A 197 7.89 -31.20 -5.86
C VAL A 197 6.90 -30.21 -6.49
N VAL A 198 7.37 -29.00 -6.81
CA VAL A 198 6.57 -27.94 -7.48
C VAL A 198 5.95 -28.52 -8.75
N ARG A 199 6.78 -29.19 -9.59
CA ARG A 199 6.34 -29.81 -10.87
C ARG A 199 5.23 -30.82 -10.58
N GLU A 200 5.46 -31.75 -9.66
CA GLU A 200 4.56 -32.91 -9.37
C GLU A 200 3.25 -32.37 -8.78
N LYS A 201 3.31 -31.30 -7.98
CA LYS A 201 2.13 -30.61 -7.38
C LYS A 201 1.44 -29.76 -8.46
N ASP A 202 2.22 -28.97 -9.22
CA ASP A 202 1.75 -28.08 -10.31
C ASP A 202 0.76 -27.06 -9.74
N PRO A 203 1.19 -26.19 -8.81
CA PRO A 203 0.31 -25.18 -8.22
C PRO A 203 0.14 -23.95 -9.12
N ASP A 204 -1.03 -23.33 -9.06
CA ASP A 204 -1.36 -22.12 -9.85
C ASP A 204 -0.68 -20.90 -9.20
N VAL A 205 -0.74 -20.83 -7.87
CA VAL A 205 -0.15 -19.73 -7.05
C VAL A 205 1.12 -20.25 -6.37
N LEU A 206 2.16 -19.42 -6.31
CA LEU A 206 3.34 -19.62 -5.42
C LEU A 206 3.38 -18.48 -4.41
N ILE A 207 3.16 -18.81 -3.14
CA ILE A 207 3.09 -17.81 -2.03
C ILE A 207 4.51 -17.71 -1.42
N THR A 208 4.97 -16.48 -1.19
CA THR A 208 6.23 -16.15 -0.50
C THR A 208 5.97 -15.00 0.48
N TYR A 209 6.92 -14.74 1.38
CA TYR A 209 6.96 -13.53 2.22
C TYR A 209 8.28 -12.80 1.95
N ASN A 210 8.25 -11.89 0.97
CA ASN A 210 9.43 -11.16 0.45
C ASN A 210 10.19 -12.07 -0.52
N GLY A 211 9.47 -12.87 -1.31
CA GLY A 211 10.04 -13.67 -2.40
C GLY A 211 10.62 -12.79 -3.49
N ASP A 212 9.94 -11.67 -3.79
CA ASP A 212 10.39 -10.62 -4.75
C ASP A 212 11.86 -10.29 -4.48
N ASN A 213 12.20 -10.00 -3.21
CA ASN A 213 13.46 -9.29 -2.86
C ASN A 213 14.51 -10.22 -2.24
N PHE A 214 14.18 -11.46 -1.86
CA PHE A 214 15.15 -12.37 -1.20
C PHE A 214 15.05 -13.81 -1.76
N ASP A 215 13.98 -14.52 -1.40
CA ASP A 215 13.88 -16.00 -1.53
C ASP A 215 14.27 -16.42 -2.96
N PHE A 216 13.57 -15.89 -3.97
CA PHE A 216 13.78 -16.23 -5.42
C PHE A 216 15.17 -15.77 -5.85
N ALA A 217 15.52 -14.52 -5.57
CA ALA A 217 16.84 -13.92 -5.89
C ALA A 217 17.95 -14.83 -5.36
N TYR A 218 17.82 -15.32 -4.13
CA TYR A 218 18.83 -16.17 -3.44
C TYR A 218 18.91 -17.51 -4.16
N LEU A 219 17.76 -18.16 -4.37
CA LEU A 219 17.66 -19.45 -5.12
C LEU A 219 18.39 -19.32 -6.46
N LYS A 220 18.37 -18.15 -7.11
CA LYS A 220 19.04 -17.90 -8.40
C LYS A 220 20.57 -17.98 -8.21
N LYS A 221 21.14 -17.05 -7.45
CA LYS A 221 22.60 -16.98 -7.16
C LYS A 221 23.12 -18.39 -6.81
N ARG A 222 22.31 -19.20 -6.12
CA ARG A 222 22.62 -20.61 -5.78
C ARG A 222 22.60 -21.47 -7.05
N CYS A 223 21.43 -21.59 -7.69
CA CYS A 223 21.22 -22.36 -8.95
C CYS A 223 22.24 -21.92 -10.00
N GLU A 224 22.65 -20.65 -9.97
CA GLU A 224 23.76 -20.09 -10.77
C GLU A 224 25.07 -20.77 -10.34
N GLU A 225 25.43 -20.64 -9.06
CA GLU A 225 26.71 -21.11 -8.47
C GLU A 225 26.80 -22.64 -8.50
N LEU A 226 25.68 -23.34 -8.71
CA LEU A 226 25.62 -24.82 -8.62
C LEU A 226 25.31 -25.45 -9.98
N GLY A 227 24.91 -24.65 -10.97
CA GLY A 227 24.55 -25.15 -12.32
C GLY A 227 23.34 -26.06 -12.27
N ILE A 228 22.22 -25.55 -11.75
CA ILE A 228 20.88 -26.20 -11.76
C ILE A 228 19.94 -25.27 -12.55
N LYS A 229 19.31 -25.80 -13.60
CA LYS A 229 18.23 -25.09 -14.34
C LYS A 229 17.09 -24.86 -13.34
N PHE A 230 16.88 -23.62 -12.93
CA PHE A 230 15.88 -23.21 -11.91
C PHE A 230 14.51 -23.09 -12.56
N THR A 231 14.03 -24.19 -13.17
CA THR A 231 12.81 -24.21 -14.02
C THR A 231 11.59 -24.44 -13.12
N LEU A 232 10.83 -23.39 -12.81
CA LEU A 232 9.60 -23.46 -11.98
C LEU A 232 8.36 -23.23 -12.87
N GLY A 233 8.48 -22.38 -13.89
CA GLY A 233 7.36 -22.00 -14.80
C GLY A 233 6.71 -23.21 -15.47
N ARG A 234 5.42 -23.10 -15.81
CA ARG A 234 4.65 -24.18 -16.50
C ARG A 234 5.21 -24.38 -17.92
N ASP A 235 5.65 -23.30 -18.57
CA ASP A 235 6.28 -23.32 -19.91
C ASP A 235 7.69 -23.92 -19.82
N GLY A 236 8.16 -24.26 -18.61
CA GLY A 236 9.48 -24.86 -18.37
C GLY A 236 10.56 -23.81 -18.12
N SER A 237 10.17 -22.53 -18.11
CA SER A 237 11.08 -21.35 -17.99
C SER A 237 11.59 -21.24 -16.55
N GLU A 238 12.62 -20.42 -16.33
CA GLU A 238 13.07 -20.02 -14.98
C GLU A 238 12.52 -18.62 -14.69
N PRO A 239 12.42 -18.22 -13.41
CA PRO A 239 11.78 -16.95 -13.03
C PRO A 239 12.51 -15.70 -13.53
N LYS A 240 11.75 -14.71 -14.02
CA LYS A 240 12.26 -13.39 -14.48
C LYS A 240 12.24 -12.41 -13.30
N ILE A 241 13.40 -11.80 -12.97
CA ILE A 241 13.58 -10.91 -11.79
C ILE A 241 13.37 -9.45 -12.20
N GLN A 242 12.22 -9.13 -12.84
CA GLN A 242 11.79 -7.77 -13.27
C GLN A 242 12.05 -6.73 -12.17
N ARG A 243 12.47 -5.52 -12.55
CA ARG A 243 12.91 -4.45 -11.61
C ARG A 243 11.86 -3.33 -11.55
N MET A 244 10.95 -3.40 -10.57
CA MET A 244 9.91 -2.36 -10.27
C MET A 244 10.50 -1.31 -9.33
N GLY A 245 10.77 -0.10 -9.84
CA GLY A 245 11.19 1.08 -9.06
C GLY A 245 12.39 0.81 -8.16
N ASP A 246 12.28 1.13 -6.88
CA ASP A 246 13.37 1.06 -5.87
C ASP A 246 13.83 -0.40 -5.69
N ARG A 247 12.88 -1.34 -5.64
CA ARG A 247 13.13 -2.79 -5.44
C ARG A 247 12.98 -3.53 -6.77
N PHE A 248 12.97 -4.87 -6.73
CA PHE A 248 12.65 -5.77 -7.87
C PHE A 248 11.40 -6.59 -7.52
N ALA A 249 10.93 -7.38 -8.47
CA ALA A 249 9.80 -8.33 -8.30
C ALA A 249 9.98 -9.51 -9.25
N VAL A 250 9.60 -10.72 -8.82
CA VAL A 250 9.87 -11.99 -9.55
C VAL A 250 8.56 -12.49 -10.17
N GLU A 251 8.63 -12.97 -11.41
CA GLU A 251 7.47 -13.49 -12.19
C GLU A 251 7.79 -14.93 -12.59
N VAL A 252 6.93 -15.88 -12.21
CA VAL A 252 7.02 -17.32 -12.61
C VAL A 252 5.97 -17.55 -13.70
N LYS A 253 6.34 -17.34 -14.96
CA LYS A 253 5.44 -17.41 -16.14
C LYS A 253 4.62 -18.71 -16.06
N GLY A 254 3.30 -18.59 -15.94
CA GLY A 254 2.33 -19.70 -15.88
C GLY A 254 1.76 -19.89 -14.48
N ARG A 255 2.45 -19.35 -13.46
CA ARG A 255 2.02 -19.40 -12.03
C ARG A 255 1.93 -17.97 -11.47
N ILE A 256 0.99 -17.74 -10.55
CA ILE A 256 0.84 -16.45 -9.82
C ILE A 256 1.80 -16.44 -8.64
N HIS A 257 2.96 -15.77 -8.77
CA HIS A 257 3.88 -15.55 -7.62
C HIS A 257 3.29 -14.47 -6.72
N PHE A 258 2.57 -14.89 -5.68
CA PHE A 258 1.94 -13.98 -4.70
C PHE A 258 2.93 -13.70 -3.56
N ASP A 259 3.70 -12.60 -3.67
CA ASP A 259 4.51 -12.08 -2.55
C ASP A 259 3.58 -11.29 -1.63
N LEU A 260 3.32 -11.83 -0.44
CA LEU A 260 2.42 -11.27 0.60
C LEU A 260 2.98 -9.96 1.15
N TYR A 261 4.31 -9.86 1.28
CA TYR A 261 4.97 -8.77 2.03
C TYR A 261 4.43 -7.42 1.58
N PRO A 262 4.48 -7.06 0.28
CA PRO A 262 3.99 -5.75 -0.16
C PRO A 262 2.50 -5.55 0.15
N VAL A 263 1.69 -6.62 0.07
CA VAL A 263 0.25 -6.62 0.42
C VAL A 263 0.12 -6.38 1.92
N ILE A 264 0.73 -7.24 2.74
CA ILE A 264 0.73 -7.13 4.23
C ILE A 264 1.17 -5.71 4.61
N ARG A 265 2.25 -5.22 4.00
CA ARG A 265 2.83 -3.89 4.31
C ARG A 265 1.80 -2.81 3.99
N ARG A 266 1.08 -2.94 2.88
CA ARG A 266 0.02 -1.98 2.43
C ARG A 266 -1.18 -2.04 3.39
N THR A 267 -1.60 -3.24 3.77
CA THR A 267 -2.90 -3.51 4.44
C THR A 267 -2.81 -3.28 5.95
N ILE A 268 -1.96 -4.04 6.64
CA ILE A 268 -1.84 -4.02 8.13
C ILE A 268 -0.80 -2.98 8.53
N ASN A 269 -1.03 -2.26 9.63
CA ASN A 269 -0.02 -1.37 10.27
C ASN A 269 0.63 -2.11 11.45
N LEU A 270 1.97 -2.17 11.46
CA LEU A 270 2.78 -2.76 12.54
C LEU A 270 4.05 -1.94 12.72
N PRO A 271 4.79 -2.09 13.84
CA PRO A 271 6.08 -1.42 14.02
C PRO A 271 7.19 -2.09 13.21
N THR A 272 7.10 -3.43 13.08
CA THR A 272 8.04 -4.31 12.34
C THR A 272 7.23 -5.37 11.59
N TYR A 273 7.66 -5.74 10.38
CA TYR A 273 6.92 -6.63 9.45
C TYR A 273 7.63 -7.98 9.30
N THR A 274 8.18 -8.50 10.39
CA THR A 274 8.67 -9.90 10.56
C THR A 274 7.49 -10.85 10.37
N LEU A 275 7.65 -11.94 9.59
CA LEU A 275 6.59 -12.97 9.37
C LEU A 275 6.04 -13.43 10.72
N GLU A 276 6.92 -13.51 11.72
CA GLU A 276 6.59 -13.82 13.13
C GLU A 276 5.56 -12.79 13.65
N ALA A 277 5.80 -11.50 13.40
CA ALA A 277 4.93 -10.39 13.84
C ALA A 277 3.54 -10.51 13.19
N VAL A 278 3.48 -10.72 11.87
CA VAL A 278 2.21 -10.59 11.09
C VAL A 278 1.32 -11.82 11.33
N TYR A 279 1.88 -12.96 11.74
CA TYR A 279 1.11 -14.18 12.16
C TYR A 279 0.37 -13.83 13.45
N GLU A 280 1.13 -13.32 14.42
CA GLU A 280 0.64 -12.87 15.76
C GLU A 280 -0.43 -11.79 15.56
N ALA A 281 -0.28 -10.96 14.53
CA ALA A 281 -1.25 -9.91 14.15
C ALA A 281 -2.50 -10.57 13.56
N VAL A 282 -2.38 -11.22 12.40
CA VAL A 282 -3.53 -11.72 11.58
C VAL A 282 -4.28 -12.82 12.32
N PHE A 283 -3.57 -13.71 13.03
CA PHE A 283 -4.15 -14.97 13.59
C PHE A 283 -4.08 -15.02 15.12
N GLY A 284 -3.39 -14.09 15.78
CA GLY A 284 -3.30 -14.03 17.25
C GLY A 284 -2.29 -15.03 17.81
N LYS A 285 -2.11 -16.18 17.16
CA LYS A 285 -1.23 -17.29 17.61
C LYS A 285 0.24 -16.87 17.45
N PRO A 286 1.16 -17.38 18.30
CA PRO A 286 2.55 -16.91 18.30
C PRO A 286 3.48 -17.73 17.40
N LYS A 287 4.71 -17.23 17.21
CA LYS A 287 5.75 -17.85 16.33
C LYS A 287 7.14 -17.50 16.85
N GLU A 288 7.92 -18.53 17.22
CA GLU A 288 9.36 -18.38 17.57
C GLU A 288 10.14 -18.10 16.29
N LYS A 289 11.06 -17.13 16.33
CA LYS A 289 12.07 -16.86 15.28
C LYS A 289 13.37 -17.56 15.71
N VAL A 290 13.83 -18.54 14.93
CA VAL A 290 15.22 -19.06 15.04
C VAL A 290 16.09 -18.13 14.20
N TYR A 291 17.07 -17.48 14.83
CA TYR A 291 17.94 -16.44 14.23
C TYR A 291 19.08 -17.10 13.45
N ALA A 292 19.84 -16.29 12.69
CA ALA A 292 20.93 -16.77 11.81
C ALA A 292 22.05 -17.38 12.67
N GLU A 293 22.52 -16.66 13.68
CA GLU A 293 23.56 -17.16 14.63
C GLU A 293 23.11 -18.53 15.17
N GLU A 294 21.81 -18.73 15.39
CA GLU A 294 21.22 -20.00 15.88
C GLU A 294 21.31 -21.08 14.79
N ILE A 295 20.87 -20.75 13.58
CA ILE A 295 20.81 -21.70 12.42
C ILE A 295 22.22 -22.23 12.15
N ALA A 296 23.21 -21.32 11.98
CA ALA A 296 24.60 -21.62 11.59
C ALA A 296 25.26 -22.52 12.65
N GLN A 297 25.05 -22.23 13.93
CA GLN A 297 25.64 -23.03 15.03
C GLN A 297 25.01 -24.43 15.03
N ALA A 298 23.77 -24.56 14.54
CA ALA A 298 23.08 -25.86 14.40
C ALA A 298 23.70 -26.63 13.22
N TRP A 299 23.83 -25.96 12.08
CA TRP A 299 24.52 -26.48 10.86
C TRP A 299 25.94 -26.92 11.25
N GLU A 300 26.75 -25.99 11.76
CA GLU A 300 28.15 -26.21 12.20
C GLU A 300 28.22 -27.31 13.26
N SER A 301 27.29 -27.33 14.21
CA SER A 301 27.29 -28.25 15.38
C SER A 301 26.73 -29.61 14.96
N GLY A 302 25.61 -29.61 14.24
CA GLY A 302 24.73 -30.79 14.07
C GLY A 302 23.78 -30.94 15.24
N GLU A 303 24.07 -30.22 16.32
CA GLU A 303 23.27 -30.18 17.57
C GLU A 303 22.06 -29.24 17.37
N GLY A 304 20.85 -29.77 17.56
CA GLY A 304 19.61 -28.98 17.70
C GLY A 304 19.15 -28.32 16.40
N LEU A 305 19.32 -29.01 15.27
CA LEU A 305 18.76 -28.62 13.95
C LEU A 305 17.24 -28.82 13.92
N GLU A 306 16.68 -29.65 14.81
CA GLU A 306 15.22 -29.96 14.82
C GLU A 306 14.43 -28.67 15.05
N ARG A 307 14.94 -27.74 15.86
CA ARG A 307 14.33 -26.39 16.04
C ARG A 307 14.29 -25.70 14.67
N VAL A 308 15.45 -25.62 14.01
CA VAL A 308 15.65 -24.93 12.70
C VAL A 308 14.71 -25.55 11.67
N ALA A 309 14.47 -26.85 11.76
CA ALA A 309 13.53 -27.58 10.88
C ALA A 309 12.10 -27.14 11.20
N ARG A 310 11.73 -27.11 12.49
CA ARG A 310 10.41 -26.63 12.95
C ARG A 310 10.21 -25.20 12.42
N TYR A 311 11.23 -24.35 12.53
CA TYR A 311 11.21 -22.94 12.08
C TYR A 311 10.94 -22.87 10.57
N SER A 312 11.66 -23.65 9.77
CA SER A 312 11.50 -23.71 8.28
C SER A 312 10.07 -24.13 7.97
N MET A 313 9.64 -25.25 8.58
CA MET A 313 8.30 -25.84 8.37
C MET A 313 7.22 -24.82 8.78
N GLU A 314 7.37 -24.16 9.93
CA GLU A 314 6.41 -23.14 10.43
C GLU A 314 6.39 -21.96 9.45
N ASP A 315 7.56 -21.45 9.05
CA ASP A 315 7.70 -20.33 8.08
C ASP A 315 6.80 -20.59 6.87
N ALA A 316 6.82 -21.80 6.31
CA ALA A 316 6.06 -22.18 5.10
C ALA A 316 4.57 -22.29 5.43
N LYS A 317 4.24 -23.01 6.52
CA LYS A 317 2.86 -23.26 7.03
C LYS A 317 2.14 -21.91 7.21
N VAL A 318 2.82 -20.93 7.82
CA VAL A 318 2.29 -19.57 8.10
C VAL A 318 2.17 -18.77 6.79
N THR A 319 3.14 -18.92 5.88
CA THR A 319 3.10 -18.25 4.55
C THR A 319 1.83 -18.70 3.84
N TYR A 320 1.59 -20.01 3.76
CA TYR A 320 0.41 -20.61 3.11
C TYR A 320 -0.86 -20.02 3.73
N GLU A 321 -0.96 -20.08 5.06
CA GLU A 321 -2.14 -19.63 5.84
C GLU A 321 -2.39 -18.13 5.59
N LEU A 322 -1.34 -17.31 5.58
CA LEU A 322 -1.43 -15.87 5.22
C LEU A 322 -1.90 -15.73 3.76
N GLY A 323 -1.36 -16.55 2.85
CA GLY A 323 -1.71 -16.52 1.42
C GLY A 323 -3.19 -16.77 1.21
N ARG A 324 -3.67 -17.92 1.71
CA ARG A 324 -5.09 -18.38 1.60
C ARG A 324 -6.03 -17.32 2.19
N GLU A 325 -5.52 -16.45 3.07
CA GLU A 325 -6.31 -15.40 3.77
C GLU A 325 -6.31 -14.10 2.96
N PHE A 326 -5.25 -13.81 2.21
CA PHE A 326 -5.01 -12.48 1.56
C PHE A 326 -5.27 -12.54 0.06
N PHE A 327 -4.95 -13.68 -0.58
CA PHE A 327 -5.17 -13.93 -2.04
C PHE A 327 -6.61 -13.59 -2.42
N PRO A 328 -7.63 -14.07 -1.67
CA PRO A 328 -9.02 -13.80 -2.01
C PRO A 328 -9.28 -12.33 -2.40
N MET A 329 -8.96 -11.39 -1.52
CA MET A 329 -9.29 -9.94 -1.71
C MET A 329 -8.33 -9.37 -2.75
N GLU A 330 -7.10 -9.89 -2.83
CA GLU A 330 -6.10 -9.45 -3.82
C GLU A 330 -6.56 -9.89 -5.22
N ALA A 331 -7.50 -10.85 -5.30
CA ALA A 331 -8.09 -11.38 -6.54
C ALA A 331 -9.28 -10.52 -6.96
N GLN A 332 -10.14 -10.16 -6.01
CA GLN A 332 -11.24 -9.17 -6.23
C GLN A 332 -10.63 -7.88 -6.80
N LEU A 333 -9.43 -7.51 -6.34
CA LEU A 333 -8.72 -6.28 -6.81
C LEU A 333 -8.21 -6.50 -8.24
N SER A 334 -7.70 -7.69 -8.54
CA SER A 334 -7.30 -8.09 -9.92
C SER A 334 -8.46 -7.75 -10.87
N ARG A 335 -9.68 -8.11 -10.46
CA ARG A 335 -10.93 -8.00 -11.26
C ARG A 335 -11.33 -6.52 -11.37
N LEU A 336 -11.39 -5.81 -10.24
CA LEU A 336 -11.84 -4.39 -10.18
C LEU A 336 -10.97 -3.51 -11.07
N ILE A 337 -9.64 -3.58 -10.91
CA ILE A 337 -8.64 -2.76 -11.65
C ILE A 337 -8.50 -3.37 -13.07
N GLY A 338 -8.78 -4.66 -13.18
CA GLY A 338 -8.80 -5.39 -14.46
C GLY A 338 -7.41 -5.68 -14.97
N GLN A 339 -6.43 -5.82 -14.08
CA GLN A 339 -5.06 -6.31 -14.41
C GLN A 339 -4.77 -7.52 -13.50
N SER A 340 -3.62 -8.17 -13.69
CA SER A 340 -3.25 -9.46 -13.07
C SER A 340 -3.08 -9.28 -11.56
N LEU A 341 -3.42 -10.32 -10.78
CA LEU A 341 -3.21 -10.36 -9.31
C LEU A 341 -1.77 -9.92 -9.02
N TRP A 342 -0.83 -10.46 -9.80
CA TRP A 342 0.62 -10.15 -9.73
C TRP A 342 0.85 -8.64 -9.70
N ASP A 343 0.45 -7.92 -10.76
CA ASP A 343 0.70 -6.46 -10.92
C ASP A 343 0.06 -5.73 -9.73
N VAL A 344 -1.24 -5.98 -9.54
CA VAL A 344 -2.12 -5.35 -8.51
C VAL A 344 -1.51 -5.49 -7.11
N SER A 345 -0.98 -6.67 -6.78
CA SER A 345 -0.36 -7.05 -5.49
C SER A 345 0.78 -6.08 -5.12
N ARG A 346 1.48 -5.58 -6.13
CA ARG A 346 2.78 -4.88 -5.99
C ARG A 346 2.63 -3.40 -6.31
N SER A 347 1.49 -3.00 -6.91
CA SER A 347 1.25 -1.64 -7.47
C SER A 347 0.92 -0.64 -6.37
N SER A 348 1.21 0.63 -6.61
CA SER A 348 0.69 1.79 -5.83
C SER A 348 -0.79 1.94 -6.17
N THR A 349 -1.56 2.68 -5.36
CA THR A 349 -2.95 3.05 -5.71
C THR A 349 -2.86 3.95 -6.94
N GLY A 350 -1.88 4.86 -6.96
CA GLY A 350 -1.58 5.74 -8.10
C GLY A 350 -1.66 4.98 -9.42
N ASN A 351 -0.98 3.85 -9.50
CA ASN A 351 -0.93 3.00 -10.72
C ASN A 351 -2.26 2.25 -10.88
N LEU A 352 -2.73 1.58 -9.82
CA LEU A 352 -4.04 0.88 -9.80
C LEU A 352 -5.10 1.82 -10.40
N VAL A 353 -5.08 3.10 -10.02
CA VAL A 353 -6.04 4.14 -10.49
C VAL A 353 -5.85 4.33 -11.99
N GLU A 354 -4.62 4.62 -12.41
CA GLU A 354 -4.30 4.94 -13.83
C GLU A 354 -4.69 3.75 -14.71
N TRP A 355 -4.47 2.52 -14.25
CA TRP A 355 -4.83 1.25 -14.95
C TRP A 355 -6.34 1.12 -15.14
N PHE A 356 -7.11 1.60 -14.17
CA PHE A 356 -8.60 1.63 -14.21
C PHE A 356 -9.03 2.63 -15.29
N LEU A 357 -8.45 3.83 -15.27
CA LEU A 357 -8.84 4.95 -16.17
C LEU A 357 -8.49 4.59 -17.62
N LEU A 358 -7.27 4.10 -17.89
CA LEU A 358 -6.86 3.62 -19.23
C LEU A 358 -7.93 2.65 -19.76
N ARG A 359 -8.35 1.70 -18.94
CA ARG A 359 -9.34 0.66 -19.34
C ARG A 359 -10.66 1.35 -19.70
N LYS A 360 -11.16 2.21 -18.81
CA LYS A 360 -12.43 2.96 -19.01
C LYS A 360 -12.27 3.90 -20.21
N ALA A 361 -11.10 4.54 -20.35
CA ALA A 361 -10.79 5.55 -21.38
C ALA A 361 -10.82 4.90 -22.77
N TYR A 362 -10.27 3.69 -22.91
CA TYR A 362 -10.30 2.92 -24.19
C TYR A 362 -11.75 2.60 -24.53
N LYS A 363 -12.48 2.02 -23.57
CA LYS A 363 -13.92 1.71 -23.69
C LYS A 363 -14.68 2.99 -24.08
N ARG A 364 -14.20 4.16 -23.64
CA ARG A 364 -14.85 5.48 -23.83
C ARG A 364 -14.19 6.29 -24.96
N ASN A 365 -13.41 5.63 -25.83
CA ASN A 365 -12.84 6.24 -27.07
C ASN A 365 -12.05 7.51 -26.70
N GLU A 366 -11.43 7.53 -25.52
CA GLU A 366 -10.66 8.68 -24.97
C GLU A 366 -9.17 8.40 -25.10
N LEU A 367 -8.47 9.23 -25.89
CA LEU A 367 -6.99 9.19 -26.02
C LEU A 367 -6.41 9.59 -24.65
N ALA A 368 -5.87 8.61 -23.93
CA ALA A 368 -5.28 8.80 -22.58
C ALA A 368 -4.14 9.81 -22.69
N PRO A 369 -4.16 10.91 -21.90
CA PRO A 369 -3.05 11.86 -21.89
C PRO A 369 -1.79 11.20 -21.32
N ASN A 370 -0.62 11.72 -21.65
CA ASN A 370 0.68 11.04 -21.41
C ASN A 370 1.19 11.34 -20.00
N LYS A 371 1.92 10.40 -19.41
CA LYS A 371 2.71 10.59 -18.16
C LYS A 371 3.60 11.83 -18.35
N PRO A 372 3.91 12.58 -17.27
CA PRO A 372 4.68 13.82 -17.41
C PRO A 372 6.19 13.56 -17.43
N ASP A 373 6.88 14.03 -18.47
CA ASP A 373 8.36 13.88 -18.62
C ASP A 373 9.06 14.65 -17.48
N GLU A 374 10.37 14.48 -17.36
CA GLU A 374 11.22 15.09 -16.29
C GLU A 374 10.82 16.57 -16.10
N ARG A 375 10.78 17.34 -17.20
CA ARG A 375 10.51 18.80 -17.18
C ARG A 375 9.06 19.05 -16.78
N GLU A 376 8.14 18.13 -17.10
CA GLU A 376 6.67 18.27 -16.88
C GLU A 376 6.29 17.80 -15.47
N LEU A 377 7.24 17.36 -14.65
CA LEU A 377 7.05 17.19 -13.18
C LEU A 377 7.40 18.51 -12.48
N ALA A 378 8.42 19.21 -12.96
CA ALA A 378 9.03 20.40 -12.32
C ALA A 378 7.99 21.52 -12.17
N ARG A 379 7.23 21.81 -13.23
CA ARG A 379 6.13 22.81 -13.22
C ARG A 379 5.03 22.36 -12.25
N ARG A 380 4.75 21.05 -12.21
CA ARG A 380 3.66 20.46 -11.38
C ARG A 380 4.06 20.46 -9.89
N ARG A 381 5.22 21.03 -9.55
CA ARG A 381 5.84 20.98 -8.19
C ARG A 381 5.07 21.89 -7.21
N GLY A 382 4.30 22.86 -7.71
CA GLY A 382 3.46 23.75 -6.89
C GLY A 382 2.35 23.00 -6.16
N GLY A 383 2.24 23.17 -4.84
CA GLY A 383 1.20 22.56 -3.98
C GLY A 383 -0.12 23.34 -4.05
N TYR A 384 -1.09 22.95 -3.20
CA TYR A 384 -2.42 23.59 -3.08
C TYR A 384 -2.97 23.40 -1.66
N ALA A 385 -3.96 24.20 -1.29
CA ALA A 385 -4.64 24.21 0.04
C ALA A 385 -5.36 22.87 0.28
N GLY A 386 -5.20 22.31 1.47
CA GLY A 386 -5.79 21.02 1.86
C GLY A 386 -7.07 21.21 2.64
N GLY A 387 -7.26 20.42 3.70
CA GLY A 387 -8.50 20.36 4.50
C GLY A 387 -8.44 21.31 5.68
N TYR A 388 -9.59 21.72 6.18
CA TYR A 388 -9.73 22.58 7.39
C TYR A 388 -9.40 21.70 8.59
N VAL A 389 -8.47 22.13 9.44
CA VAL A 389 -8.19 21.42 10.73
C VAL A 389 -8.28 22.46 11.86
N LYS A 390 -9.43 22.49 12.55
CA LYS A 390 -9.70 23.39 13.69
C LYS A 390 -8.72 23.07 14.82
N GLU A 391 -8.21 24.11 15.48
CA GLU A 391 -7.44 24.01 16.74
C GLU A 391 -8.40 23.53 17.82
N PRO A 392 -8.10 22.41 18.50
CA PRO A 392 -9.05 21.83 19.45
C PRO A 392 -9.24 22.65 20.73
N GLU A 393 -10.47 22.68 21.24
CA GLU A 393 -10.76 23.06 22.65
C GLU A 393 -10.08 22.01 23.51
N ARG A 394 -8.90 22.33 24.06
CA ARG A 394 -8.05 21.38 24.80
C ARG A 394 -8.76 20.98 26.10
N GLY A 395 -8.51 19.74 26.54
CA GLY A 395 -8.90 19.24 27.86
C GLY A 395 -9.90 18.11 27.78
N LEU A 396 -10.46 17.73 28.93
CA LEU A 396 -11.36 16.58 29.12
C LEU A 396 -12.81 17.07 28.99
N TRP A 397 -13.56 16.53 28.02
CA TRP A 397 -14.99 16.86 27.77
C TRP A 397 -15.84 15.60 27.92
N ASP A 398 -17.11 15.77 28.26
CA ASP A 398 -18.09 14.68 28.48
C ASP A 398 -19.14 14.73 27.36
N ASN A 399 -19.78 13.61 27.07
CA ASN A 399 -20.91 13.47 26.10
C ASN A 399 -20.53 14.16 24.77
N ILE A 400 -19.59 13.58 24.05
CA ILE A 400 -19.10 14.07 22.72
C ILE A 400 -19.80 13.26 21.64
N VAL A 401 -19.97 13.84 20.45
CA VAL A 401 -20.52 13.14 19.25
C VAL A 401 -19.59 13.44 18.07
N TYR A 402 -19.17 12.40 17.36
CA TYR A 402 -18.47 12.52 16.04
C TYR A 402 -19.54 12.59 14.96
N LEU A 403 -19.58 13.71 14.23
CA LEU A 403 -20.34 13.87 12.97
C LEU A 403 -19.34 13.99 11.84
N ASP A 404 -19.61 13.35 10.69
CA ASP A 404 -18.71 13.43 9.51
C ASP A 404 -19.55 13.30 8.25
N PHE A 405 -19.07 13.86 7.15
CA PHE A 405 -19.66 13.72 5.80
C PHE A 405 -19.39 12.28 5.34
N ARG A 406 -20.43 11.61 4.85
CA ARG A 406 -20.29 10.33 4.13
C ARG A 406 -19.60 10.62 2.79
N SER A 407 -18.47 9.95 2.54
CA SER A 407 -17.67 10.04 1.30
C SER A 407 -17.66 11.48 0.80
N LEU A 408 -16.97 12.39 1.51
CA LEU A 408 -16.98 13.85 1.22
C LEU A 408 -16.39 14.11 -0.17
N TYR A 409 -15.11 13.85 -0.37
CA TYR A 409 -14.40 14.23 -1.62
C TYR A 409 -15.02 13.57 -2.86
N PRO A 410 -15.48 12.29 -2.82
CA PRO A 410 -16.24 11.73 -3.94
C PRO A 410 -17.58 12.45 -4.17
N SER A 411 -18.35 12.68 -3.10
CA SER A 411 -19.62 13.43 -3.15
C SER A 411 -19.40 14.75 -3.90
N ILE A 412 -18.31 15.47 -3.61
CA ILE A 412 -17.96 16.78 -4.27
C ILE A 412 -17.66 16.53 -5.75
N ILE A 413 -16.81 15.55 -6.05
CA ILE A 413 -16.37 15.22 -7.44
C ILE A 413 -17.60 14.82 -8.27
N ILE A 414 -18.47 13.95 -7.73
CA ILE A 414 -19.78 13.61 -8.33
C ILE A 414 -20.59 14.90 -8.46
N THR A 415 -20.85 15.58 -7.34
CA THR A 415 -21.87 16.66 -7.24
C THR A 415 -21.53 17.82 -8.17
N HIS A 416 -20.32 18.37 -8.09
CA HIS A 416 -19.89 19.57 -8.86
C HIS A 416 -19.22 19.18 -10.19
N ASN A 417 -19.25 17.89 -10.54
CA ASN A 417 -18.75 17.39 -11.85
C ASN A 417 -17.31 17.86 -12.03
N VAL A 418 -16.47 17.61 -11.02
CA VAL A 418 -15.05 18.08 -10.97
C VAL A 418 -14.20 17.07 -11.74
N SER A 419 -13.68 17.48 -12.88
CA SER A 419 -13.00 16.62 -13.90
C SER A 419 -12.18 17.51 -14.82
N PRO A 420 -11.01 17.05 -15.33
CA PRO A 420 -10.19 17.88 -16.21
C PRO A 420 -10.92 18.20 -17.52
N ASP A 421 -11.82 17.31 -17.95
CA ASP A 421 -12.58 17.40 -19.22
C ASP A 421 -13.86 18.23 -19.04
N THR A 422 -14.14 18.73 -17.83
CA THR A 422 -15.27 19.65 -17.53
C THR A 422 -14.73 20.99 -17.04
N LEU A 423 -13.41 21.14 -16.95
CA LEU A 423 -12.75 22.31 -16.30
C LEU A 423 -12.77 23.50 -17.27
N ASN A 424 -13.40 24.61 -16.86
CA ASN A 424 -13.41 25.90 -17.59
C ASN A 424 -13.59 25.63 -19.09
N ARG A 425 -14.75 25.08 -19.48
CA ARG A 425 -15.12 24.81 -20.89
C ARG A 425 -15.76 26.06 -21.50
N GLU A 426 -15.84 26.09 -22.84
CA GLU A 426 -16.49 27.17 -23.63
C GLU A 426 -17.99 26.88 -23.73
N GLY A 427 -18.82 27.83 -23.27
CA GLY A 427 -20.29 27.86 -23.49
C GLY A 427 -21.00 26.57 -23.11
N CYS A 428 -20.93 26.17 -21.84
CA CYS A 428 -21.94 25.30 -21.18
C CYS A 428 -23.06 26.22 -20.65
N LYS A 429 -24.29 25.73 -20.57
CA LYS A 429 -25.47 26.49 -20.08
C LYS A 429 -25.29 26.76 -18.59
N GLU A 430 -25.10 25.72 -17.78
CA GLU A 430 -24.90 25.79 -16.31
C GLU A 430 -23.44 25.45 -15.97
N TYR A 431 -22.91 26.09 -14.92
CA TYR A 431 -21.50 26.00 -14.43
C TYR A 431 -21.48 26.05 -12.90
N ASP A 432 -20.51 25.39 -12.27
CA ASP A 432 -20.29 25.43 -10.80
C ASP A 432 -18.87 25.97 -10.53
N VAL A 433 -18.76 27.10 -9.81
CA VAL A 433 -17.48 27.85 -9.55
C VAL A 433 -17.03 27.55 -8.11
N ALA A 434 -15.90 26.84 -7.94
CA ALA A 434 -15.33 26.41 -6.64
C ALA A 434 -15.08 27.62 -5.74
N PRO A 435 -15.28 27.48 -4.40
CA PRO A 435 -15.40 28.63 -3.50
C PRO A 435 -14.26 29.67 -3.45
N GLU A 436 -12.99 29.24 -3.46
CA GLU A 436 -11.85 30.19 -3.33
C GLU A 436 -10.93 30.11 -4.56
N VAL A 437 -10.56 28.89 -4.99
CA VAL A 437 -9.76 28.61 -6.23
C VAL A 437 -10.44 29.31 -7.43
N GLY A 438 -11.78 29.37 -7.44
CA GLY A 438 -12.59 30.11 -8.43
C GLY A 438 -13.05 29.21 -9.57
N HIS A 439 -12.20 28.28 -10.00
CA HIS A 439 -12.35 27.40 -11.20
C HIS A 439 -13.81 27.01 -11.43
N LYS A 440 -14.33 27.29 -12.63
CA LYS A 440 -15.71 26.93 -13.05
C LYS A 440 -15.67 25.52 -13.66
N PHE A 441 -16.65 24.67 -13.30
CA PHE A 441 -16.80 23.29 -13.80
C PHE A 441 -18.13 23.18 -14.56
N CYS A 442 -18.04 22.82 -15.85
CA CYS A 442 -19.20 22.56 -16.75
C CYS A 442 -20.15 21.57 -16.09
N LYS A 443 -21.44 21.72 -16.32
CA LYS A 443 -22.52 20.96 -15.62
C LYS A 443 -23.50 20.38 -16.64
N ASP A 444 -23.07 20.19 -17.88
CA ASP A 444 -23.97 19.89 -19.03
C ASP A 444 -23.76 18.44 -19.51
N PHE A 445 -22.65 17.80 -19.16
CA PHE A 445 -22.36 16.38 -19.51
C PHE A 445 -21.63 15.73 -18.33
N PRO A 446 -21.94 14.47 -17.97
CA PRO A 446 -21.21 13.79 -16.90
C PRO A 446 -19.73 13.62 -17.29
N GLY A 447 -18.84 14.40 -16.65
CA GLY A 447 -17.38 14.35 -16.83
C GLY A 447 -16.83 12.95 -16.70
N PHE A 448 -15.69 12.67 -17.37
CA PHE A 448 -15.06 11.33 -17.45
C PHE A 448 -15.08 10.70 -16.05
N ILE A 449 -14.38 11.33 -15.11
CA ILE A 449 -14.13 10.78 -13.74
C ILE A 449 -15.45 10.74 -12.95
N PRO A 450 -16.14 11.89 -12.73
CA PRO A 450 -17.45 11.86 -12.08
C PRO A 450 -18.33 10.70 -12.58
N SER A 451 -18.37 10.51 -13.90
CA SER A 451 -19.11 9.42 -14.58
C SER A 451 -18.75 8.07 -13.94
N LEU A 452 -17.48 7.69 -14.03
CA LEU A 452 -16.95 6.40 -13.51
C LEU A 452 -17.15 6.37 -11.99
N LEU A 453 -16.95 7.51 -11.30
CA LEU A 453 -16.97 7.59 -9.82
C LEU A 453 -18.39 7.31 -9.32
N GLY A 454 -19.40 7.80 -10.04
CA GLY A 454 -20.82 7.48 -9.80
C GLY A 454 -21.07 6.00 -9.96
N ASP A 455 -20.69 5.44 -11.11
CA ASP A 455 -20.81 3.98 -11.44
C ASP A 455 -20.22 3.17 -10.29
N LEU A 456 -19.03 3.55 -9.81
CA LEU A 456 -18.34 2.88 -8.68
C LEU A 456 -19.28 2.87 -7.46
N LEU A 457 -19.66 4.03 -6.95
CA LEU A 457 -20.55 4.15 -5.77
C LEU A 457 -21.88 3.45 -6.09
N GLU A 458 -22.43 3.72 -7.28
CA GLU A 458 -23.66 3.05 -7.79
C GLU A 458 -23.55 1.55 -7.48
N GLU A 459 -22.48 0.91 -7.95
CA GLU A 459 -22.25 -0.55 -7.77
C GLU A 459 -22.03 -0.87 -6.30
N ARG A 460 -21.20 -0.11 -5.59
CA ARG A 460 -20.81 -0.43 -4.20
C ARG A 460 -22.08 -0.70 -3.38
N GLN A 461 -23.14 0.09 -3.60
CA GLN A 461 -24.45 -0.06 -2.92
C GLN A 461 -25.16 -1.32 -3.44
N LYS A 462 -25.08 -1.59 -4.75
CA LYS A 462 -25.55 -2.88 -5.33
C LYS A 462 -24.91 -4.05 -4.58
N ILE A 463 -23.58 -4.05 -4.46
CA ILE A 463 -22.78 -5.14 -3.83
C ILE A 463 -23.19 -5.30 -2.35
N LYS A 464 -23.51 -4.21 -1.66
CA LYS A 464 -23.92 -4.23 -0.22
C LYS A 464 -25.37 -4.71 -0.10
N ARG A 465 -26.15 -4.66 -1.20
CA ARG A 465 -27.53 -5.20 -1.29
C ARG A 465 -27.44 -6.70 -1.58
N LYS A 466 -26.60 -7.11 -2.53
CA LYS A 466 -26.29 -8.52 -2.84
C LYS A 466 -25.74 -9.21 -1.58
N MET A 467 -25.04 -8.45 -0.72
CA MET A 467 -24.41 -8.96 0.55
C MET A 467 -25.50 -9.43 1.52
N LYS A 468 -26.50 -8.59 1.79
CA LYS A 468 -27.62 -8.86 2.73
C LYS A 468 -28.44 -10.05 2.23
N ALA A 469 -28.41 -10.33 0.93
CA ALA A 469 -29.11 -11.47 0.26
C ALA A 469 -28.30 -12.76 0.36
N THR A 470 -26.97 -12.68 0.27
CA THR A 470 -26.02 -13.83 0.13
C THR A 470 -26.20 -14.81 1.28
N VAL A 471 -26.57 -16.07 0.98
CA VAL A 471 -26.67 -17.20 1.94
C VAL A 471 -25.26 -17.73 2.23
N ASP A 472 -24.53 -18.11 1.17
CA ASP A 472 -23.12 -18.59 1.21
C ASP A 472 -22.24 -17.57 1.92
N PRO A 473 -21.61 -17.91 3.08
CA PRO A 473 -20.82 -16.92 3.83
C PRO A 473 -19.46 -16.62 3.19
N LEU A 474 -18.94 -17.53 2.36
CA LEU A 474 -17.74 -17.27 1.51
C LEU A 474 -18.06 -16.07 0.60
N GLU A 475 -19.06 -16.20 -0.27
CA GLU A 475 -19.50 -15.13 -1.21
C GLU A 475 -19.65 -13.82 -0.45
N LYS A 476 -20.27 -13.86 0.72
CA LYS A 476 -20.53 -12.66 1.58
C LYS A 476 -19.20 -12.00 1.96
N LYS A 477 -18.12 -12.78 2.11
CA LYS A 477 -16.73 -12.28 2.34
C LYS A 477 -16.19 -11.71 1.03
N LEU A 478 -16.22 -12.50 -0.05
CA LEU A 478 -15.75 -12.11 -1.40
C LEU A 478 -16.54 -10.89 -1.88
N LEU A 479 -17.82 -10.77 -1.52
CA LEU A 479 -18.69 -9.60 -1.84
C LEU A 479 -18.17 -8.38 -1.07
N ASP A 480 -17.91 -8.56 0.23
CA ASP A 480 -17.50 -7.46 1.14
C ASP A 480 -16.15 -6.89 0.69
N TYR A 481 -15.25 -7.74 0.21
CA TYR A 481 -13.93 -7.32 -0.37
C TYR A 481 -14.18 -6.40 -1.56
N ARG A 482 -15.14 -6.77 -2.42
CA ARG A 482 -15.44 -6.01 -3.67
C ARG A 482 -15.90 -4.60 -3.28
N GLN A 483 -16.82 -4.50 -2.32
CA GLN A 483 -17.40 -3.20 -1.88
C GLN A 483 -16.32 -2.39 -1.15
N ARG A 484 -15.64 -2.99 -0.18
CA ARG A 484 -14.59 -2.33 0.64
C ARG A 484 -13.52 -1.74 -0.28
N LEU A 485 -13.12 -2.47 -1.32
CA LEU A 485 -12.06 -2.06 -2.28
C LEU A 485 -12.54 -0.86 -3.10
N ILE A 486 -13.75 -0.97 -3.69
CA ILE A 486 -14.38 0.10 -4.52
C ILE A 486 -14.35 1.41 -3.74
N LYS A 487 -14.75 1.38 -2.46
CA LYS A 487 -14.73 2.54 -1.53
C LYS A 487 -13.34 3.19 -1.57
N ILE A 488 -12.28 2.37 -1.46
CA ILE A 488 -10.86 2.82 -1.41
C ILE A 488 -10.49 3.43 -2.77
N LEU A 489 -10.78 2.72 -3.87
CA LEU A 489 -10.54 3.22 -5.24
C LEU A 489 -11.22 4.58 -5.36
N ALA A 490 -12.52 4.64 -5.06
CA ALA A 490 -13.36 5.86 -5.13
C ALA A 490 -12.75 6.98 -4.28
N ASN A 491 -12.24 6.66 -3.09
CA ASN A 491 -11.65 7.68 -2.18
C ASN A 491 -10.23 8.05 -2.64
N SER A 492 -9.64 7.28 -3.58
CA SER A 492 -8.28 7.54 -4.12
C SER A 492 -8.31 8.65 -5.18
N PHE A 493 -9.46 8.90 -5.81
CA PHE A 493 -9.57 9.75 -7.02
C PHE A 493 -9.10 11.19 -6.75
N TYR A 494 -9.56 11.83 -5.68
CA TYR A 494 -9.11 13.20 -5.31
C TYR A 494 -7.58 13.23 -5.28
N GLY A 495 -6.96 12.27 -4.60
CA GLY A 495 -5.49 12.13 -4.50
C GLY A 495 -4.84 12.14 -5.87
N TYR A 496 -5.24 11.19 -6.72
CA TYR A 496 -4.78 11.03 -8.13
C TYR A 496 -4.75 12.40 -8.83
N TYR A 497 -5.79 13.22 -8.68
CA TYR A 497 -5.90 14.58 -9.27
C TYR A 497 -4.70 15.43 -8.85
N GLY A 498 -4.33 15.38 -7.56
CA GLY A 498 -3.24 16.19 -6.98
C GLY A 498 -1.88 15.55 -7.17
N TYR A 499 -1.80 14.38 -7.82
CA TYR A 499 -0.57 13.58 -8.03
C TYR A 499 0.10 14.04 -9.33
N ALA A 500 1.32 14.59 -9.24
CA ALA A 500 2.08 15.15 -10.37
C ALA A 500 2.38 14.06 -11.40
N LYS A 501 2.61 12.81 -10.96
CA LYS A 501 2.97 11.66 -11.83
C LYS A 501 1.71 11.08 -12.51
N ALA A 502 0.51 11.50 -12.10
CA ALA A 502 -0.78 10.98 -12.62
C ALA A 502 -1.06 11.51 -14.03
N ARG A 503 -1.34 10.59 -14.96
CA ARG A 503 -1.75 10.88 -16.36
C ARG A 503 -2.84 11.96 -16.37
N TRP A 504 -3.92 11.75 -15.60
CA TRP A 504 -5.04 12.72 -15.50
C TRP A 504 -4.85 13.67 -14.31
N TYR A 505 -3.61 14.11 -14.04
CA TYR A 505 -3.30 15.24 -13.12
C TYR A 505 -4.23 16.42 -13.45
N CYS A 506 -4.70 17.13 -12.43
CA CYS A 506 -5.52 18.36 -12.56
C CYS A 506 -5.46 19.11 -11.22
N LYS A 507 -4.39 19.89 -11.01
CA LYS A 507 -4.22 20.75 -9.80
C LYS A 507 -5.49 21.59 -9.66
N GLU A 508 -6.08 21.99 -10.78
CA GLU A 508 -7.34 22.77 -10.80
C GLU A 508 -8.46 21.98 -10.11
N CYS A 509 -8.49 20.66 -10.30
CA CYS A 509 -9.55 19.75 -9.80
C CYS A 509 -9.32 19.48 -8.31
N ALA A 510 -8.15 18.96 -7.93
CA ALA A 510 -7.77 18.66 -6.52
C ALA A 510 -8.06 19.86 -5.62
N GLU A 511 -7.49 21.02 -5.98
CA GLU A 511 -7.61 22.32 -5.26
C GLU A 511 -9.08 22.66 -5.03
N SER A 512 -9.92 22.47 -6.06
CA SER A 512 -11.38 22.81 -6.06
C SER A 512 -12.12 21.83 -5.14
N VAL A 513 -11.82 20.55 -5.24
CA VAL A 513 -12.38 19.50 -4.33
C VAL A 513 -12.13 19.95 -2.88
N THR A 514 -10.88 20.22 -2.52
CA THR A 514 -10.47 20.58 -1.12
C THR A 514 -11.11 21.91 -0.74
N ALA A 515 -11.10 22.88 -1.64
CA ALA A 515 -11.75 24.20 -1.45
C ALA A 515 -13.19 23.98 -0.97
N TRP A 516 -13.98 23.22 -1.74
CA TRP A 516 -15.40 22.93 -1.44
C TRP A 516 -15.51 22.31 -0.04
N GLY A 517 -14.71 21.27 0.24
CA GLY A 517 -14.60 20.62 1.56
C GLY A 517 -14.53 21.64 2.67
N ARG A 518 -13.52 22.52 2.63
CA ARG A 518 -13.31 23.61 3.63
C ARG A 518 -14.64 24.35 3.80
N GLU A 519 -15.29 24.73 2.69
CA GLU A 519 -16.55 25.51 2.70
C GLU A 519 -17.61 24.79 3.53
N TYR A 520 -17.82 23.51 3.21
CA TYR A 520 -18.93 22.66 3.72
C TYR A 520 -18.73 22.32 5.20
N ILE A 521 -17.52 21.96 5.63
CA ILE A 521 -17.25 21.60 7.06
C ILE A 521 -17.41 22.86 7.92
N GLU A 522 -16.87 23.99 7.48
CA GLU A 522 -16.92 25.25 8.27
C GLU A 522 -18.38 25.73 8.36
N MET A 523 -19.21 25.39 7.38
CA MET A 523 -20.63 25.82 7.29
C MET A 523 -21.47 24.99 8.27
N VAL A 524 -21.27 23.67 8.26
CA VAL A 524 -21.81 22.74 9.29
C VAL A 524 -21.42 23.28 10.68
N ILE A 525 -20.12 23.44 10.94
CA ILE A 525 -19.58 23.90 12.25
C ILE A 525 -20.30 25.19 12.66
N ARG A 526 -20.26 26.22 11.79
CA ARG A 526 -20.94 27.54 11.98
C ARG A 526 -22.41 27.31 12.33
N GLU A 527 -23.13 26.57 11.49
CA GLU A 527 -24.57 26.21 11.66
C GLU A 527 -24.76 25.49 13.00
N LEU A 528 -23.89 24.53 13.31
CA LEU A 528 -24.03 23.65 14.49
C LEU A 528 -23.85 24.48 15.76
N GLU A 529 -23.00 25.50 15.72
CA GLU A 529 -22.61 26.32 16.89
C GLU A 529 -23.60 27.46 17.08
N GLU A 530 -24.07 28.05 15.99
CA GLU A 530 -25.00 29.21 16.01
C GLU A 530 -26.42 28.65 16.24
N LYS A 531 -27.01 28.01 15.22
CA LYS A 531 -28.42 27.52 15.25
C LYS A 531 -28.64 26.65 16.49
N PHE A 532 -27.84 25.59 16.64
CA PHE A 532 -27.88 24.61 17.75
C PHE A 532 -26.77 24.96 18.74
N GLY A 533 -26.99 24.71 20.03
CA GLY A 533 -26.15 25.28 21.10
C GLY A 533 -24.87 24.51 21.32
N PHE A 534 -24.37 23.81 20.30
CA PHE A 534 -23.21 22.90 20.43
C PHE A 534 -21.93 23.73 20.49
N LYS A 535 -20.95 23.26 21.25
CA LYS A 535 -19.52 23.66 21.12
C LYS A 535 -18.81 22.61 20.27
N VAL A 536 -18.04 23.03 19.27
CA VAL A 536 -17.20 22.09 18.48
C VAL A 536 -15.82 22.02 19.14
N LEU A 537 -15.53 20.87 19.75
CA LEU A 537 -14.29 20.62 20.52
C LEU A 537 -13.09 20.49 19.56
N TYR A 538 -13.29 19.88 18.40
CA TYR A 538 -12.22 19.67 17.39
C TYR A 538 -12.86 19.25 16.06
N ALA A 539 -12.13 19.45 14.98
CA ALA A 539 -12.57 19.11 13.62
C ALA A 539 -11.34 19.04 12.70
N ASP A 540 -11.47 18.37 11.57
CA ASP A 540 -10.33 18.03 10.68
C ASP A 540 -10.92 17.40 9.42
N THR A 541 -11.15 18.23 8.39
CA THR A 541 -11.35 17.81 6.98
C THR A 541 -12.56 16.86 6.90
N ASP A 542 -13.78 17.34 7.15
CA ASP A 542 -15.02 16.52 6.96
C ASP A 542 -15.52 15.88 8.26
N GLY A 543 -14.80 15.99 9.38
CA GLY A 543 -15.20 15.40 10.67
C GLY A 543 -15.29 16.43 11.77
N LEU A 544 -16.22 16.26 12.71
CA LEU A 544 -16.39 17.20 13.84
C LEU A 544 -16.60 16.37 15.11
N HIS A 545 -16.04 16.84 16.24
CA HIS A 545 -16.28 16.38 17.63
C HIS A 545 -16.94 17.53 18.40
N ALA A 546 -18.10 17.29 19.02
CA ALA A 546 -18.92 18.35 19.63
C ALA A 546 -19.77 17.82 20.79
N THR A 547 -20.14 18.75 21.67
CA THR A 547 -21.01 18.51 22.84
C THR A 547 -21.86 19.76 23.06
N ILE A 548 -22.85 19.65 23.96
CA ILE A 548 -23.57 20.81 24.55
C ILE A 548 -23.13 20.90 26.00
N PRO A 549 -22.09 21.71 26.32
CA PRO A 549 -21.53 21.76 27.66
C PRO A 549 -22.60 21.79 28.77
N GLY A 550 -22.50 20.83 29.69
CA GLY A 550 -23.35 20.70 30.89
C GLY A 550 -24.70 20.07 30.57
N ALA A 551 -24.76 19.23 29.54
CA ALA A 551 -25.97 18.49 29.13
C ALA A 551 -25.70 16.99 29.26
N ASP A 552 -26.75 16.21 29.54
CA ASP A 552 -26.66 14.72 29.67
C ASP A 552 -26.44 14.12 28.28
N ALA A 553 -25.88 12.90 28.23
CA ALA A 553 -25.63 12.10 27.01
C ALA A 553 -26.90 12.02 26.18
N GLU A 554 -28.02 11.71 26.85
CA GLU A 554 -29.39 11.57 26.25
C GLU A 554 -29.67 12.76 25.33
N THR A 555 -29.42 13.97 25.82
CA THR A 555 -29.73 15.26 25.15
C THR A 555 -28.75 15.53 24.00
N VAL A 556 -27.45 15.52 24.29
CA VAL A 556 -26.40 15.64 23.24
C VAL A 556 -26.83 14.77 22.06
N LYS A 557 -27.20 13.53 22.33
CA LYS A 557 -27.63 12.55 21.28
C LYS A 557 -28.84 13.10 20.52
N LYS A 558 -29.96 13.33 21.22
CA LYS A 558 -31.22 13.82 20.60
C LYS A 558 -30.92 15.05 19.72
N LYS A 559 -30.20 16.04 20.26
CA LYS A 559 -29.98 17.36 19.61
C LYS A 559 -29.08 17.18 18.39
N ALA A 560 -28.06 16.33 18.48
CA ALA A 560 -27.17 16.03 17.33
C ALA A 560 -28.02 15.40 16.21
N LYS A 561 -28.76 14.35 16.54
CA LYS A 561 -29.69 13.66 15.60
C LYS A 561 -30.65 14.70 14.99
N GLU A 562 -31.09 15.69 15.79
CA GLU A 562 -31.99 16.80 15.35
C GLU A 562 -31.26 17.67 14.34
N PHE A 563 -29.99 17.99 14.62
CA PHE A 563 -29.14 18.89 13.81
C PHE A 563 -28.91 18.28 12.41
N LEU A 564 -28.78 16.96 12.32
CA LEU A 564 -28.61 16.27 11.01
C LEU A 564 -29.82 16.52 10.12
N LYS A 565 -31.03 16.32 10.67
CA LYS A 565 -32.30 16.51 9.93
C LYS A 565 -32.43 17.96 9.46
N TYR A 566 -31.83 18.89 10.20
CA TYR A 566 -31.83 20.35 9.89
C TYR A 566 -30.93 20.61 8.70
N ILE A 567 -29.66 20.23 8.83
CA ILE A 567 -28.55 20.66 7.91
C ILE A 567 -28.64 19.88 6.60
N ASN A 568 -28.84 18.56 6.66
CA ASN A 568 -28.65 17.63 5.51
C ASN A 568 -29.45 18.11 4.30
N PRO A 569 -30.76 18.46 4.45
CA PRO A 569 -31.51 19.05 3.34
C PRO A 569 -31.00 20.42 2.87
N LYS A 570 -30.23 21.13 3.70
CA LYS A 570 -29.60 22.43 3.30
C LYS A 570 -28.31 22.15 2.50
N LEU A 571 -27.70 20.97 2.68
CA LEU A 571 -26.47 20.58 1.94
C LEU A 571 -26.84 20.17 0.51
N PRO A 572 -26.02 20.53 -0.49
CA PRO A 572 -26.30 20.23 -1.89
C PRO A 572 -25.81 18.86 -2.41
N GLY A 573 -26.46 18.34 -3.45
CA GLY A 573 -26.00 17.16 -4.21
C GLY A 573 -25.92 15.94 -3.32
N LEU A 574 -24.82 15.19 -3.43
CA LEU A 574 -24.59 13.95 -2.64
C LEU A 574 -24.09 14.30 -1.22
N LEU A 575 -23.87 15.59 -0.91
CA LEU A 575 -23.23 16.01 0.36
C LEU A 575 -24.19 15.75 1.53
N GLU A 576 -23.82 14.85 2.44
CA GLU A 576 -24.70 14.32 3.52
C GLU A 576 -23.88 14.12 4.80
N LEU A 577 -24.21 14.85 5.87
CA LEU A 577 -23.58 14.69 7.20
C LEU A 577 -24.20 13.48 7.89
N GLU A 578 -23.37 12.70 8.59
CA GLU A 578 -23.76 11.46 9.32
C GLU A 578 -23.39 11.60 10.80
N TYR A 579 -24.16 10.97 11.68
CA TYR A 579 -23.83 10.76 13.11
C TYR A 579 -23.03 9.45 13.14
N GLU A 580 -21.77 9.47 13.57
CA GLU A 580 -20.86 8.29 13.50
C GLU A 580 -20.57 7.74 14.89
N GLY A 581 -20.49 8.59 15.91
CA GLY A 581 -20.04 8.20 17.26
C GLY A 581 -20.65 9.05 18.37
N PHE A 582 -20.84 8.42 19.54
CA PHE A 582 -21.06 9.08 20.84
C PHE A 582 -20.01 8.54 21.83
N TYR A 583 -19.52 9.39 22.73
CA TYR A 583 -18.36 9.13 23.62
C TYR A 583 -18.60 9.69 25.02
N VAL A 584 -18.60 8.81 26.03
CA VAL A 584 -18.89 9.14 27.45
C VAL A 584 -18.04 10.36 27.83
N ARG A 585 -16.73 10.29 27.57
CA ARG A 585 -15.78 11.41 27.76
C ARG A 585 -14.73 11.35 26.66
N GLY A 586 -13.98 12.44 26.49
CA GLY A 586 -12.94 12.55 25.45
C GLY A 586 -11.95 13.64 25.79
N PHE A 587 -10.72 13.46 25.30
CA PHE A 587 -9.51 14.24 25.66
C PHE A 587 -8.83 14.70 24.37
N PHE A 588 -8.97 15.99 24.03
CA PHE A 588 -8.34 16.62 22.84
C PHE A 588 -7.08 17.36 23.30
N VAL A 589 -5.93 17.04 22.68
CA VAL A 589 -4.58 17.40 23.17
C VAL A 589 -3.97 18.48 22.26
N THR A 590 -3.66 18.13 21.01
CA THR A 590 -3.30 19.10 19.94
C THR A 590 -4.03 18.69 18.66
N LYS A 591 -3.79 19.40 17.56
CA LYS A 591 -4.28 18.95 16.24
C LYS A 591 -3.71 17.55 16.01
N LYS A 592 -4.52 16.64 15.47
CA LYS A 592 -4.14 15.26 15.09
C LYS A 592 -3.98 14.36 16.31
N LYS A 593 -4.20 14.85 17.53
CA LYS A 593 -3.84 14.12 18.78
C LYS A 593 -4.94 14.21 19.83
N TYR A 594 -5.70 13.11 20.00
CA TYR A 594 -6.86 13.00 20.92
C TYR A 594 -7.23 11.54 21.18
N ALA A 595 -7.91 11.29 22.30
CA ALA A 595 -8.51 9.99 22.66
C ALA A 595 -9.95 10.19 23.17
N VAL A 596 -10.76 9.13 23.09
CA VAL A 596 -12.19 9.11 23.48
C VAL A 596 -12.52 7.71 23.99
N ILE A 597 -13.34 7.59 25.04
CA ILE A 597 -13.83 6.29 25.57
C ILE A 597 -15.34 6.23 25.28
N ASP A 598 -15.79 5.15 24.63
CA ASP A 598 -17.20 4.96 24.23
C ASP A 598 -17.96 4.42 25.44
N GLU A 599 -19.27 4.27 25.31
CA GLU A 599 -20.17 3.87 26.41
C GLU A 599 -19.74 2.49 26.92
N GLU A 600 -19.44 1.57 25.99
CA GLU A 600 -19.02 0.17 26.29
C GLU A 600 -17.63 0.14 26.92
N GLY A 601 -16.83 1.19 26.79
CA GLY A 601 -15.53 1.35 27.47
C GLY A 601 -14.34 1.49 26.51
N LYS A 602 -14.54 1.23 25.21
CA LYS A 602 -13.44 1.14 24.20
C LYS A 602 -12.80 2.53 24.01
N ILE A 603 -11.61 2.75 24.58
CA ILE A 603 -10.80 3.99 24.35
C ILE A 603 -10.26 3.95 22.91
N THR A 604 -10.64 4.92 22.07
CA THR A 604 -10.07 5.14 20.71
C THR A 604 -9.04 6.27 20.78
N THR A 605 -7.91 6.11 20.08
CA THR A 605 -6.71 6.96 20.23
C THR A 605 -6.16 7.36 18.86
N ARG A 606 -5.88 8.64 18.67
CA ARG A 606 -5.51 9.22 17.35
C ARG A 606 -4.27 10.09 17.53
N GLY A 607 -3.19 9.78 16.81
CA GLY A 607 -2.01 10.65 16.63
C GLY A 607 -1.05 10.61 17.79
N LEU A 608 -1.54 10.49 19.03
CA LEU A 608 -0.72 10.44 20.27
C LEU A 608 0.32 9.32 20.15
N GLU A 609 1.45 9.48 20.84
CA GLU A 609 2.60 8.55 20.89
C GLU A 609 2.13 7.09 20.88
N ILE A 610 1.10 6.78 21.66
CA ILE A 610 0.51 5.41 21.79
C ILE A 610 0.40 4.70 20.44
N VAL A 611 0.12 5.41 19.35
CA VAL A 611 -0.19 4.76 18.04
C VAL A 611 0.91 5.08 17.03
N ARG A 612 2.01 5.69 17.47
CA ARG A 612 3.17 6.00 16.60
C ARG A 612 4.20 4.87 16.70
N ARG A 613 4.74 4.43 15.57
CA ARG A 613 5.68 3.28 15.53
C ARG A 613 7.08 3.77 15.95
N ASP A 614 7.34 5.09 15.88
CA ASP A 614 8.69 5.68 16.10
C ASP A 614 8.89 6.08 17.56
N TRP A 615 8.10 5.52 18.48
CA TRP A 615 8.19 5.76 19.95
C TRP A 615 8.40 4.43 20.68
N SER A 616 9.18 4.44 21.77
CA SER A 616 9.50 3.24 22.58
C SER A 616 8.21 2.62 23.09
N GLU A 617 8.16 1.29 23.22
CA GLU A 617 6.98 0.57 23.75
C GLU A 617 6.77 0.98 25.22
N ILE A 618 7.80 1.45 25.91
CA ILE A 618 7.67 1.95 27.32
C ILE A 618 7.01 3.35 27.31
N ALA A 619 7.40 4.23 26.37
CA ALA A 619 6.74 5.54 26.17
C ALA A 619 5.24 5.31 25.99
N LYS A 620 4.89 4.46 25.04
CA LYS A 620 3.51 4.22 24.56
C LYS A 620 2.72 3.46 25.63
N GLU A 621 3.27 2.36 26.16
CA GLU A 621 2.63 1.56 27.23
C GLU A 621 2.37 2.48 28.42
N THR A 622 3.34 3.34 28.77
CA THR A 622 3.21 4.31 29.89
C THR A 622 2.06 5.27 29.57
N GLN A 623 2.13 5.95 28.42
CA GLN A 623 1.10 6.91 27.98
C GLN A 623 -0.27 6.21 27.97
N ALA A 624 -0.32 4.98 27.42
CA ALA A 624 -1.55 4.17 27.27
C ALA A 624 -2.21 3.97 28.65
N ARG A 625 -1.39 3.86 29.70
CA ARG A 625 -1.83 3.58 31.11
C ARG A 625 -2.29 4.87 31.78
N VAL A 626 -1.49 5.95 31.67
CA VAL A 626 -1.84 7.31 32.18
C VAL A 626 -3.14 7.78 31.49
N LEU A 627 -3.41 7.31 30.27
CA LEU A 627 -4.61 7.67 29.45
C LEU A 627 -5.82 6.86 29.95
N GLU A 628 -5.66 5.54 30.15
CA GLU A 628 -6.68 4.65 30.78
C GLU A 628 -7.12 5.28 32.10
N ALA A 629 -6.16 5.87 32.84
CA ALA A 629 -6.37 6.51 34.16
C ALA A 629 -7.38 7.65 34.03
N ILE A 630 -7.10 8.62 33.18
CA ILE A 630 -7.91 9.87 33.05
C ILE A 630 -9.28 9.56 32.42
N LEU A 631 -9.33 8.62 31.47
CA LEU A 631 -10.55 8.34 30.66
C LEU A 631 -11.35 7.19 31.27
N LYS A 632 -10.84 5.95 31.26
CA LYS A 632 -11.59 4.75 31.73
C LYS A 632 -12.05 5.02 33.15
N HIS A 633 -11.10 5.37 34.03
CA HIS A 633 -11.32 5.77 35.44
C HIS A 633 -11.21 7.30 35.53
N GLY A 634 -10.99 7.85 36.72
CA GLY A 634 -10.75 9.30 36.91
C GLY A 634 -9.42 9.61 37.57
N ASP A 635 -8.71 8.58 38.02
CA ASP A 635 -7.62 8.67 39.04
C ASP A 635 -6.38 9.30 38.42
N VAL A 636 -6.32 10.63 38.39
CA VAL A 636 -5.09 11.42 38.04
C VAL A 636 -3.98 11.04 39.04
N GLU A 637 -4.36 10.70 40.27
CA GLU A 637 -3.46 10.05 41.25
C GLU A 637 -2.98 8.72 40.63
N GLU A 638 -3.91 7.79 40.40
CA GLU A 638 -3.63 6.46 39.78
C GLU A 638 -2.68 6.64 38.59
N ALA A 639 -2.83 7.74 37.83
CA ALA A 639 -1.98 8.10 36.68
C ALA A 639 -0.58 8.44 37.16
N VAL A 640 -0.44 9.50 37.97
CA VAL A 640 0.90 10.07 38.36
C VAL A 640 1.74 8.96 38.99
N ARG A 641 1.10 8.00 39.67
CA ARG A 641 1.75 6.79 40.27
C ARG A 641 2.27 5.87 39.15
N ILE A 642 1.44 5.57 38.15
CA ILE A 642 1.79 4.70 36.98
C ILE A 642 3.02 5.30 36.28
N VAL A 643 3.12 6.64 36.25
CA VAL A 643 4.28 7.41 35.72
C VAL A 643 5.49 7.13 36.63
N LYS A 644 5.36 7.41 37.93
CA LYS A 644 6.46 7.37 38.95
C LYS A 644 7.11 5.98 38.97
N GLU A 645 6.30 4.90 39.00
CA GLU A 645 6.75 3.49 38.96
C GLU A 645 7.50 3.20 37.65
N VAL A 646 6.93 3.65 36.52
CA VAL A 646 7.48 3.43 35.14
C VAL A 646 8.88 4.05 35.03
N THR A 647 9.16 5.12 35.78
CA THR A 647 10.45 5.88 35.72
C THR A 647 11.48 5.20 36.62
N GLU A 648 11.20 5.07 37.92
CA GLU A 648 12.08 4.39 38.90
C GLU A 648 12.48 3.01 38.35
N LYS A 649 11.54 2.31 37.70
CA LYS A 649 11.75 0.97 37.08
C LYS A 649 12.82 1.09 35.98
N LEU A 650 12.79 2.19 35.21
CA LEU A 650 13.77 2.51 34.14
C LEU A 650 15.09 2.97 34.78
N SER A 651 15.01 3.81 35.81
CA SER A 651 16.16 4.40 36.56
C SER A 651 16.94 3.29 37.29
N LYS A 652 16.23 2.27 37.76
CA LYS A 652 16.78 1.07 38.45
C LYS A 652 17.09 -0.04 37.42
N TYR A 653 17.23 0.32 36.14
CA TYR A 653 17.68 -0.55 35.02
C TYR A 653 16.93 -1.89 35.01
N GLU A 654 15.68 -1.90 35.52
CA GLU A 654 14.83 -3.11 35.66
C GLU A 654 13.95 -3.28 34.41
N VAL A 655 13.85 -2.23 33.57
CA VAL A 655 12.95 -2.18 32.38
C VAL A 655 13.50 -3.12 31.30
N PRO A 656 12.69 -4.07 30.77
CA PRO A 656 13.18 -5.03 29.79
C PRO A 656 13.83 -4.37 28.57
N PRO A 657 14.86 -4.99 27.95
CA PRO A 657 15.46 -4.44 26.73
C PRO A 657 14.42 -4.23 25.61
N GLU A 658 13.60 -5.25 25.36
CA GLU A 658 12.63 -5.33 24.23
C GLU A 658 11.81 -4.03 24.15
N LYS A 659 11.36 -3.53 25.31
CA LYS A 659 10.43 -2.38 25.41
C LYS A 659 11.15 -1.06 25.12
N LEU A 660 12.46 -1.09 24.90
CA LEU A 660 13.29 0.13 24.69
C LEU A 660 13.61 0.30 23.20
N VAL A 661 12.99 -0.48 22.33
CA VAL A 661 13.35 -0.50 20.88
C VAL A 661 12.66 0.67 20.17
N ILE A 662 13.40 1.41 19.34
CA ILE A 662 12.91 2.57 18.55
C ILE A 662 12.94 2.19 17.07
N HIS A 663 11.76 2.05 16.45
CA HIS A 663 11.58 1.69 15.02
C HIS A 663 11.29 2.94 14.17
N GLU A 664 12.25 3.35 13.33
CA GLU A 664 11.98 4.34 12.26
C GLU A 664 12.49 3.75 10.93
N GLN A 665 11.99 4.30 9.82
CA GLN A 665 12.26 3.83 8.42
C GLN A 665 13.33 4.73 7.80
N ILE A 666 14.32 4.14 7.11
CA ILE A 666 15.19 4.88 6.15
C ILE A 666 14.38 5.03 4.86
N THR A 667 14.16 6.27 4.41
CA THR A 667 13.20 6.62 3.34
C THR A 667 13.90 6.66 1.98
N ARG A 668 15.17 7.05 1.97
CA ARG A 668 15.99 7.30 0.75
C ARG A 668 17.38 6.72 0.96
N ASP A 669 18.26 6.81 -0.05
CA ASP A 669 19.63 6.23 0.00
C ASP A 669 20.49 7.08 0.94
N LEU A 670 21.29 6.41 1.80
CA LEU A 670 21.97 7.01 2.98
C LEU A 670 22.77 8.26 2.58
N ARG A 671 23.26 8.35 1.34
CA ARG A 671 24.13 9.48 0.89
C ARG A 671 23.29 10.77 0.78
N ASP A 672 22.01 10.66 0.39
CA ASP A 672 21.13 11.80 0.04
C ASP A 672 20.78 12.66 1.27
N TYR A 673 20.77 12.08 2.47
CA TYR A 673 20.34 12.75 3.73
C TYR A 673 21.19 14.00 3.98
N LYS A 674 20.54 15.13 4.28
CA LYS A 674 21.20 16.40 4.69
C LYS A 674 21.59 16.32 6.16
N ALA A 675 20.68 15.86 7.02
CA ALA A 675 20.88 15.73 8.49
C ALA A 675 20.99 14.25 8.88
N THR A 676 21.73 13.95 9.95
CA THR A 676 22.05 12.58 10.44
C THR A 676 21.29 12.30 11.74
N GLY A 677 20.04 11.86 11.62
CA GLY A 677 19.25 11.34 12.76
C GLY A 677 19.90 10.06 13.29
N PRO A 678 19.81 9.78 14.62
CA PRO A 678 20.30 8.52 15.18
C PRO A 678 20.11 7.32 14.25
N HIS A 679 18.93 7.22 13.63
CA HIS A 679 18.55 6.12 12.72
C HIS A 679 19.41 6.10 11.46
N VAL A 680 19.73 7.27 10.90
CA VAL A 680 20.68 7.39 9.76
C VAL A 680 22.07 7.07 10.28
N ALA A 681 22.49 7.70 11.39
CA ALA A 681 23.76 7.44 12.10
C ALA A 681 23.96 5.92 12.20
N VAL A 682 22.95 5.22 12.72
CA VAL A 682 22.92 3.74 12.94
C VAL A 682 22.94 3.03 11.58
N ALA A 683 22.11 3.45 10.62
CA ALA A 683 21.99 2.83 9.29
C ALA A 683 23.28 3.00 8.49
N LYS A 684 23.98 4.13 8.69
CA LYS A 684 25.26 4.48 8.00
C LYS A 684 26.35 3.51 8.47
N ARG A 685 26.47 3.29 9.78
CA ARG A 685 27.43 2.34 10.40
C ARG A 685 27.19 0.93 9.88
N LEU A 686 25.93 0.49 9.81
CA LEU A 686 25.52 -0.87 9.35
C LEU A 686 25.89 -1.07 7.86
N ALA A 687 26.12 0.02 7.11
CA ALA A 687 26.52 0.00 5.69
C ALA A 687 28.06 -0.10 5.56
N ALA A 688 28.79 0.38 6.57
CA ALA A 688 30.24 0.15 6.74
C ALA A 688 30.49 -1.32 7.09
N ARG A 689 29.49 -2.00 7.65
CA ARG A 689 29.47 -3.46 7.93
C ARG A 689 28.70 -4.19 6.81
N GLY A 690 28.53 -3.54 5.65
CA GLY A 690 28.01 -4.13 4.40
C GLY A 690 26.60 -4.71 4.54
N VAL A 691 25.77 -4.15 5.43
CA VAL A 691 24.34 -4.54 5.62
C VAL A 691 23.50 -3.82 4.55
N LYS A 692 22.32 -4.37 4.22
CA LYS A 692 21.45 -3.91 3.09
C LYS A 692 20.48 -2.83 3.58
N ILE A 693 21.01 -1.64 3.93
CA ILE A 693 20.24 -0.47 4.44
C ILE A 693 19.70 0.33 3.25
N ARG A 694 18.65 -0.16 2.59
CA ARG A 694 17.99 0.46 1.41
C ARG A 694 16.61 0.99 1.79
N PRO A 695 16.05 1.98 1.06
CA PRO A 695 14.68 2.45 1.26
C PRO A 695 13.66 1.36 1.65
N GLY A 696 12.87 1.62 2.70
CA GLY A 696 11.87 0.70 3.25
C GLY A 696 12.41 -0.11 4.43
N THR A 697 13.73 -0.12 4.61
CA THR A 697 14.43 -0.83 5.72
C THR A 697 14.11 -0.11 7.03
N VAL A 698 13.52 -0.83 7.99
CA VAL A 698 13.21 -0.31 9.36
C VAL A 698 14.44 -0.53 10.25
N ILE A 699 15.03 0.56 10.74
CA ILE A 699 16.14 0.55 11.73
C ILE A 699 15.53 0.45 13.14
N SER A 700 15.82 -0.64 13.86
CA SER A 700 15.55 -0.82 15.31
C SER A 700 16.84 -0.55 16.08
N TYR A 701 16.77 0.15 17.21
CA TYR A 701 17.97 0.54 18.00
C TYR A 701 17.59 0.97 19.42
N ILE A 702 18.54 0.84 20.34
CA ILE A 702 18.45 1.26 21.78
C ILE A 702 19.48 2.35 22.01
N VAL A 703 19.10 3.46 22.66
CA VAL A 703 20.05 4.52 23.10
C VAL A 703 20.85 3.97 24.29
N LEU A 704 22.17 3.81 24.11
CA LEU A 704 23.10 3.33 25.18
C LEU A 704 23.50 4.53 26.06
N LYS A 705 23.84 4.27 27.32
CA LYS A 705 24.11 5.30 28.36
C LYS A 705 25.30 6.16 27.94
N GLY A 706 25.28 7.45 28.30
CA GLY A 706 26.35 8.41 28.01
C GLY A 706 25.83 9.84 27.90
N SER A 707 26.51 10.68 27.11
CA SER A 707 26.17 12.11 26.87
C SER A 707 26.49 12.48 25.41
N GLY A 708 26.22 13.73 25.04
CA GLY A 708 26.44 14.25 23.67
C GLY A 708 25.30 13.84 22.75
N ARG A 709 25.51 13.90 21.42
CA ARG A 709 24.53 13.50 20.38
C ARG A 709 23.99 12.10 20.69
N ILE A 710 22.68 11.90 20.54
CA ILE A 710 21.93 10.65 20.87
C ILE A 710 22.28 9.54 19.88
N GLY A 711 22.60 9.88 18.63
CA GLY A 711 22.88 8.93 17.54
C GLY A 711 24.22 8.22 17.68
N ASP A 712 25.17 8.84 18.40
CA ASP A 712 26.53 8.29 18.65
C ASP A 712 26.46 7.13 19.66
N ARG A 713 25.37 7.05 20.43
CA ARG A 713 25.15 5.98 21.45
C ARG A 713 24.09 4.99 20.96
N ALA A 714 23.38 5.30 19.86
CA ALA A 714 22.32 4.46 19.27
C ALA A 714 22.95 3.23 18.61
N ILE A 715 22.60 2.03 19.09
CA ILE A 715 23.14 0.72 18.61
C ILE A 715 21.98 -0.21 18.31
N PRO A 716 22.01 -1.00 17.23
CA PRO A 716 20.87 -1.84 16.83
C PRO A 716 20.37 -2.77 17.95
N ALA A 717 19.07 -3.08 17.94
CA ALA A 717 18.37 -3.88 18.99
C ALA A 717 18.99 -5.28 19.07
N ASP A 718 19.10 -5.96 17.92
CA ASP A 718 19.78 -7.27 17.78
C ASP A 718 21.13 -7.19 18.51
N GLU A 719 21.94 -6.19 18.15
CA GLU A 719 23.37 -6.04 18.57
C GLU A 719 23.47 -5.80 20.09
N PHE A 720 22.55 -5.02 20.68
CA PHE A 720 22.49 -4.74 22.13
C PHE A 720 22.57 -6.06 22.92
N ASP A 721 23.39 -6.10 23.97
CA ASP A 721 23.43 -7.22 24.95
C ASP A 721 23.39 -6.63 26.37
N PRO A 722 22.69 -7.27 27.33
CA PRO A 722 22.59 -6.74 28.70
C PRO A 722 23.96 -6.65 29.40
N THR A 723 24.80 -7.68 29.27
CA THR A 723 26.13 -7.80 29.92
C THR A 723 27.11 -6.83 29.27
N LYS A 724 27.51 -5.78 30.00
CA LYS A 724 28.59 -4.82 29.65
C LYS A 724 28.03 -3.63 28.84
N HIS A 725 26.71 -3.59 28.59
CA HIS A 725 26.03 -2.49 27.85
C HIS A 725 24.74 -2.10 28.58
N ARG A 726 24.81 -1.07 29.43
CA ARG A 726 23.64 -0.46 30.11
C ARG A 726 22.88 0.41 29.08
N TYR A 727 21.57 0.58 29.25
CA TYR A 727 20.75 1.49 28.40
C TYR A 727 20.71 2.89 29.05
N ASP A 728 20.36 3.91 28.25
CA ASP A 728 20.38 5.33 28.66
C ASP A 728 19.08 5.65 29.43
N ALA A 729 19.08 5.35 30.73
CA ALA A 729 17.93 5.56 31.65
C ALA A 729 17.51 7.03 31.65
N GLU A 730 18.47 7.96 31.53
CA GLU A 730 18.23 9.43 31.50
C GLU A 730 17.35 9.75 30.29
N TYR A 731 17.86 9.54 29.08
CA TYR A 731 17.13 9.74 27.80
C TYR A 731 15.73 9.12 27.90
N TYR A 732 15.68 7.81 28.11
CA TYR A 732 14.43 6.98 28.11
C TYR A 732 13.41 7.52 29.11
N ILE A 733 13.87 8.09 30.24
CA ILE A 733 12.99 8.73 31.27
C ILE A 733 12.66 10.16 30.83
N GLU A 734 13.65 10.91 30.34
CA GLU A 734 13.59 12.39 30.16
C GLU A 734 13.08 12.75 28.75
N ASN A 735 13.33 11.90 27.75
CA ASN A 735 13.08 12.21 26.32
C ASN A 735 11.94 11.38 25.72
N GLN A 736 11.34 10.44 26.48
CA GLN A 736 10.28 9.53 25.96
C GLN A 736 9.14 9.35 26.97
N VAL A 737 9.31 8.54 28.02
CA VAL A 737 8.23 8.21 28.99
C VAL A 737 7.63 9.51 29.52
N LEU A 738 8.46 10.45 29.98
CA LEU A 738 8.02 11.69 30.66
C LEU A 738 7.32 12.61 29.66
N PRO A 739 7.95 12.98 28.51
CA PRO A 739 7.32 13.88 27.53
C PRO A 739 5.90 13.50 27.06
N ALA A 740 5.70 12.23 26.67
CA ALA A 740 4.39 11.66 26.26
C ALA A 740 3.40 11.76 27.44
N VAL A 741 3.72 11.14 28.57
CA VAL A 741 2.92 11.17 29.83
C VAL A 741 2.54 12.62 30.13
N GLU A 742 3.51 13.53 30.09
CA GLU A 742 3.31 14.98 30.39
C GLU A 742 2.22 15.56 29.47
N ARG A 743 2.18 15.18 28.19
CA ARG A 743 1.19 15.71 27.21
C ARG A 743 -0.22 15.53 27.79
N ILE A 744 -0.54 14.31 28.22
CA ILE A 744 -1.86 13.95 28.80
C ILE A 744 -1.99 14.63 30.18
N LEU A 745 -0.97 14.51 31.03
CA LEU A 745 -1.01 14.91 32.48
C LEU A 745 -0.84 16.42 32.64
N LYS A 746 -0.50 17.14 31.55
CA LYS A 746 -0.29 18.62 31.53
C LYS A 746 -1.59 19.36 31.79
N ALA A 747 -2.73 18.84 31.30
CA ALA A 747 -4.08 19.43 31.41
C ALA A 747 -4.53 19.50 32.88
N PHE A 748 -3.86 18.78 33.78
CA PHE A 748 -4.16 18.73 35.24
C PHE A 748 -3.03 19.44 36.01
N GLY A 749 -2.20 20.21 35.30
CA GLY A 749 -1.20 21.14 35.86
C GLY A 749 -0.07 20.44 36.60
N TYR A 750 0.40 19.30 36.09
CA TYR A 750 1.54 18.52 36.65
C TYR A 750 2.83 18.92 35.93
N ARG A 751 3.83 19.38 36.69
CA ARG A 751 5.20 19.69 36.18
C ARG A 751 5.91 18.37 35.86
N LYS A 752 6.79 18.37 34.84
CA LYS A 752 7.61 17.19 34.46
C LYS A 752 8.43 16.76 35.68
N GLU A 753 9.09 17.71 36.35
CA GLU A 753 9.82 17.53 37.64
C GLU A 753 8.92 16.77 38.63
N ASP A 754 7.65 17.18 38.75
CA ASP A 754 6.63 16.59 39.66
C ASP A 754 6.50 15.09 39.40
N LEU A 755 6.68 14.62 38.16
CA LEU A 755 6.62 13.18 37.77
C LEU A 755 7.87 12.48 38.32
N ARG A 756 9.05 13.10 38.16
CA ARG A 756 10.32 12.75 38.85
C ARG A 756 10.72 11.30 38.52
N TYR A 757 11.01 10.49 39.55
CA TYR A 757 11.44 9.07 39.43
C TYR A 757 11.48 8.43 40.83
#